data_8UYQ
#
_entry.id   8UYQ
#
loop_
_entity.id
_entity.type
_entity.pdbx_description
1 polymer consOR4
2 polymer 'Nanobody 35'
3 polymer 'GNAS complex locus'
4 polymer 'Guanine nucleotide-binding protein G(I)/G(S)/G(T) subunit beta-1'
5 polymer 'Guanine nucleotide-binding protein G(I)/G(S)/G(O) subunit gamma-2'
6 non-polymer (2R)-2-methyl-1,3-thiazolidine
#
loop_
_entity_poly.entity_id
_entity_poly.type
_entity_poly.pdbx_seq_one_letter_code
_entity_poly.pdbx_strand_id
1 'polypeptide(L)'
;DYKDDDDASIDMMENHSNVTEFILLGLTQSPELQLFLFVVFLLFYVATVLGNLLIVVTVTSDPHLHSPMYFLLANLSFID
ICYSSVTAPKMIVDLLSERKTISFNGCMTQIFFLHFFGGAEMFLLVVMAYDRYVAICKPLHYLTIMNRRVCVLLVAVAWV
GGFLHSIIQLAFIVQLPFCGPNVIDSFFCDLPPVLKLACTDTYVLGLLVIANSGLISLLCFLLLLISYVVILVSLRSHSS
EGRSKALSTCTSHITVVILFFGPCIFIYTRPFTTFPMDKFVAVFYTVITPLLNPLIYTLRNKEMKAAMRKLWSRKVISSR
K
;
A
2 'polypeptide(L)'
;QVQLQESGGGLVQPGGSLRLSCAASGFTFSNYKMNWVRQAPGKGLEWVSDISQSGASISYTGSVKGRFTISRDNAKNTLY
LQMNSLKPEDTAVYYCARCPAPFTRDCFDVTSTTYAYRGQGTQVTVSSLEVLFQGPGHHHHHHHH
;
N
3 'polypeptide(L)'
;GGSLEVLFQGPSGNSKTEDQRNEEKAQREANKKIEKQLQKDKQVYRATHRLLLLGADNSGKSTIVKQMRILHGGSGGSGG
TSGIFETKFQVDKVNFHMFDVGGQRDERRKWIQCFNDVTAIIFVVDSSDYNRLQEALNLFKSIWNNRWLRTISVILFLNK
QDLLAEKVLAGKSKIEDYFPEFARYTTPEDATPEPGEDPRVTRAKYFIRDEFLRISTASGDGRHYCYPHFTCAVDTENAR
RIFNDCRDIIQRMHLRQYELL
;
X
4 'polypeptide(L)'
;MHHHHHHLEVLFQGPEDQVDPRLIDGKGSSGSELDQLRQEAEQLKNQIRDARKACADATLSQITNNIDPVGRIQMRTRRT
LRGHLAKIYAMHWGTDSRLLVSASQDGKLIIWDSYTTNKVHAIPLRSSWVMTCAYAPSGNYVACGGLDNICSIYNLKTRE
GNVRVSRELAGHTGYLSCCRFLDDNQIVTSSGDTTCALWDIETGQQTTTFTGHTGDVMSLSLAPDTRLFVSGACDASAKL
WDVREGMCRQTFTGHESDINAICFFPNGNAFATGSDDATCRLFDLRADQELMTYSHDNIICGITSVSFSKSGRLLLAGYD
DFNCNVWDALKADRAGVLAGHDNRVSCLGVTDDGMAVATGSWDSFLKIWN
;
Y
5 'polypeptide(L)' MASNNTASIAQARKLVEQLKMEANIDRIKVSKAAADLMAYCEAHAKEDPLLTPVPASENPFREKKFFCAIL Z
#
# COMPACT_ATOMS: atom_id res chain seq x y z
N HIS A 16 -35.87 31.53 -57.21
CA HIS A 16 -34.82 30.70 -56.60
C HIS A 16 -35.36 29.35 -56.09
N SER A 17 -35.78 28.48 -57.01
CA SER A 17 -36.21 27.10 -56.72
C SER A 17 -35.02 26.28 -56.20
N ASN A 18 -35.03 25.98 -54.90
CA ASN A 18 -33.87 25.45 -54.17
C ASN A 18 -33.38 24.07 -54.66
N VAL A 19 -32.09 23.80 -54.49
CA VAL A 19 -31.44 22.51 -54.79
C VAL A 19 -31.82 21.49 -53.71
N THR A 20 -32.85 20.68 -53.96
CA THR A 20 -33.42 19.76 -52.96
C THR A 20 -32.47 18.62 -52.57
N GLU A 21 -31.60 18.18 -53.49
CA GLU A 21 -30.51 17.24 -53.21
C GLU A 21 -29.19 17.69 -53.84
N PHE A 22 -28.09 17.56 -53.09
CA PHE A 22 -26.74 17.63 -53.62
C PHE A 22 -26.22 16.23 -54.00
N ILE A 23 -25.22 16.17 -54.87
CA ILE A 23 -24.55 14.93 -55.30
C ILE A 23 -23.07 14.98 -54.88
N LEU A 24 -22.59 13.96 -54.17
CA LEU A 24 -21.22 13.90 -53.66
C LEU A 24 -20.35 13.04 -54.60
N LEU A 25 -19.24 13.59 -55.11
CA LEU A 25 -18.34 12.88 -56.04
C LEU A 25 -17.49 11.77 -55.40
N GLY A 26 -17.25 11.80 -54.09
CA GLY A 26 -16.49 10.77 -53.38
C GLY A 26 -14.99 10.76 -53.67
N LEU A 27 -14.28 9.73 -53.19
CA LEU A 27 -12.82 9.62 -53.30
C LEU A 27 -12.31 9.05 -54.63
N THR A 28 -13.10 8.23 -55.35
CA THR A 28 -12.72 7.70 -56.67
C THR A 28 -13.95 7.28 -57.49
N GLN A 29 -13.81 7.27 -58.82
CA GLN A 29 -14.85 6.79 -59.75
C GLN A 29 -14.68 5.31 -60.15
N SER A 30 -13.55 4.67 -59.84
CA SER A 30 -13.29 3.26 -60.18
C SER A 30 -14.04 2.28 -59.27
N PRO A 31 -14.90 1.38 -59.79
CA PRO A 31 -15.59 0.38 -58.98
C PRO A 31 -14.63 -0.59 -58.27
N GLU A 32 -13.47 -0.91 -58.80
CA GLU A 32 -12.58 -1.88 -58.10
C GLU A 32 -12.03 -1.18 -56.85
N LEU A 33 -11.50 0.02 -57.08
CA LEU A 33 -10.91 0.80 -55.98
C LEU A 33 -12.02 1.06 -54.99
N GLN A 34 -13.26 1.31 -55.45
CA GLN A 34 -14.39 1.66 -54.55
C GLN A 34 -14.66 0.50 -53.58
N LEU A 35 -14.68 -0.74 -54.06
CA LEU A 35 -14.90 -1.94 -53.21
C LEU A 35 -13.76 -2.07 -52.20
N PHE A 36 -12.52 -1.86 -52.65
CA PHE A 36 -11.39 -1.91 -51.68
C PHE A 36 -11.60 -0.83 -50.61
N LEU A 37 -12.04 0.37 -50.99
CA LEU A 37 -12.22 1.49 -50.02
C LEU A 37 -13.27 1.12 -48.99
N PHE A 38 -14.31 0.35 -49.39
CA PHE A 38 -15.42 -0.01 -48.48
C PHE A 38 -14.88 -0.79 -47.29
N VAL A 39 -14.05 -1.79 -47.56
CA VAL A 39 -13.54 -2.64 -46.47
C VAL A 39 -12.77 -1.73 -45.52
N VAL A 40 -11.92 -0.85 -46.07
CA VAL A 40 -11.02 -0.02 -45.22
C VAL A 40 -11.88 0.87 -44.31
N PHE A 41 -12.86 1.57 -44.88
CA PHE A 41 -13.62 2.54 -44.06
C PHE A 41 -14.45 1.78 -43.02
N LEU A 42 -15.03 0.64 -43.37
CA LEU A 42 -15.90 -0.12 -42.43
C LEU A 42 -15.04 -0.54 -41.25
N LEU A 43 -13.84 -1.03 -41.56
CA LEU A 43 -12.94 -1.49 -40.49
C LEU A 43 -12.64 -0.29 -39.58
N PHE A 44 -12.30 0.87 -40.16
CA PHE A 44 -11.91 2.03 -39.33
C PHE A 44 -13.07 2.39 -38.42
N TYR A 45 -14.31 2.46 -38.95
CA TYR A 45 -15.46 2.90 -38.13
C TYR A 45 -15.70 1.94 -36.97
N VAL A 46 -15.68 0.62 -37.26
CA VAL A 46 -15.97 -0.38 -36.19
C VAL A 46 -14.91 -0.21 -35.10
N ALA A 47 -13.64 -0.12 -35.51
CA ALA A 47 -12.55 -0.08 -34.51
C ALA A 47 -12.75 1.17 -33.65
N THR A 48 -12.99 2.33 -34.26
CA THR A 48 -13.07 3.59 -33.48
C THR A 48 -14.20 3.46 -32.46
N VAL A 49 -15.40 3.07 -32.91
CA VAL A 49 -16.54 3.08 -31.94
C VAL A 49 -16.24 2.09 -30.81
N LEU A 50 -15.81 0.87 -31.13
CA LEU A 50 -15.64 -0.14 -30.05
C LEU A 50 -14.54 0.30 -29.06
N GLY A 51 -13.39 0.77 -29.55
CA GLY A 51 -12.29 1.11 -28.63
C GLY A 51 -12.75 2.21 -27.71
N ASN A 52 -13.43 3.21 -28.28
CA ASN A 52 -13.84 4.37 -27.47
C ASN A 52 -14.88 3.95 -26.40
N LEU A 53 -15.84 3.09 -26.75
CA LEU A 53 -16.84 2.61 -25.74
C LEU A 53 -16.11 1.88 -24.62
N LEU A 54 -15.14 1.02 -24.97
CA LEU A 54 -14.43 0.24 -23.92
C LEU A 54 -13.73 1.22 -22.97
N ILE A 55 -13.05 2.24 -23.51
CA ILE A 55 -12.29 3.19 -22.64
C ILE A 55 -13.28 3.90 -21.72
N VAL A 56 -14.41 4.38 -22.24
CA VAL A 56 -15.39 5.10 -21.39
C VAL A 56 -15.83 4.16 -20.27
N VAL A 57 -16.19 2.90 -20.57
CA VAL A 57 -16.72 1.96 -19.53
C VAL A 57 -15.63 1.72 -18.47
N THR A 58 -14.40 1.44 -18.87
CA THR A 58 -13.35 1.13 -17.86
C THR A 58 -13.17 2.37 -16.98
N VAL A 59 -13.06 3.59 -17.54
CA VAL A 59 -12.76 4.81 -16.71
C VAL A 59 -13.93 5.01 -15.76
N THR A 60 -15.16 4.83 -16.21
CA THR A 60 -16.37 5.08 -15.36
C THR A 60 -16.44 4.07 -14.21
N SER A 61 -16.04 2.81 -14.35
CA SER A 61 -16.26 1.77 -13.31
C SER A 61 -15.11 1.63 -12.30
N ASP A 62 -13.84 1.49 -12.72
CA ASP A 62 -12.73 1.21 -11.77
C ASP A 62 -12.71 2.36 -10.75
N PRO A 63 -12.71 2.14 -9.42
CA PRO A 63 -12.62 3.22 -8.43
C PRO A 63 -11.34 4.06 -8.42
N HIS A 64 -10.17 3.48 -8.63
CA HIS A 64 -8.86 4.19 -8.64
C HIS A 64 -8.78 5.24 -9.78
N LEU A 65 -9.31 4.96 -10.97
CA LEU A 65 -9.26 5.86 -12.16
C LEU A 65 -10.37 6.90 -12.05
N HIS A 66 -10.32 7.82 -11.08
CA HIS A 66 -11.32 8.91 -10.92
C HIS A 66 -10.62 10.24 -10.67
N SER A 67 -9.36 10.40 -11.08
CA SER A 67 -8.54 11.63 -10.84
C SER A 67 -9.04 12.76 -11.76
N PRO A 68 -8.58 14.03 -11.77
CA PRO A 68 -9.05 14.99 -12.80
C PRO A 68 -8.72 14.59 -14.25
N MET A 69 -7.49 14.13 -14.46
CA MET A 69 -7.03 13.76 -15.83
C MET A 69 -7.97 12.72 -16.40
N TYR A 70 -8.50 11.73 -15.67
CA TYR A 70 -9.31 10.65 -16.30
C TYR A 70 -10.71 11.08 -16.71
N PHE A 71 -11.37 11.95 -15.97
CA PHE A 71 -12.70 12.50 -16.36
C PHE A 71 -12.56 13.22 -17.71
N LEU A 72 -11.51 14.02 -17.87
CA LEU A 72 -11.30 14.80 -19.11
C LEU A 72 -11.10 13.83 -20.30
N LEU A 73 -10.32 12.76 -20.13
CA LEU A 73 -10.06 11.78 -21.21
C LEU A 73 -11.38 11.05 -21.57
N ALA A 74 -12.22 10.69 -20.61
CA ALA A 74 -13.53 10.07 -20.93
C ALA A 74 -14.40 11.04 -21.75
N ASN A 75 -14.42 12.34 -21.39
CA ASN A 75 -15.20 13.31 -22.21
C ASN A 75 -14.63 13.41 -23.64
N LEU A 76 -13.31 13.41 -23.81
CA LEU A 76 -12.69 13.44 -25.17
C LEU A 76 -13.16 12.20 -25.92
N SER A 77 -13.22 11.04 -25.29
CA SER A 77 -13.68 9.79 -25.92
C SER A 77 -15.14 9.90 -26.39
N PHE A 78 -16.06 10.43 -25.58
CA PHE A 78 -17.45 10.62 -26.08
C PHE A 78 -17.49 11.58 -27.30
N ILE A 79 -16.76 12.70 -27.37
CA ILE A 79 -16.86 13.59 -28.57
C ILE A 79 -16.37 12.84 -29.84
N ASP A 80 -15.34 12.01 -29.71
CA ASP A 80 -14.75 11.28 -30.86
C ASP A 80 -15.77 10.34 -31.50
N ILE A 81 -16.51 9.53 -30.73
CA ILE A 81 -17.55 8.65 -31.32
C ILE A 81 -18.39 9.44 -32.33
N CYS A 82 -19.06 10.53 -31.95
CA CYS A 82 -20.06 11.26 -32.81
C CYS A 82 -19.52 11.83 -34.15
N TYR A 83 -18.34 12.44 -34.17
CA TYR A 83 -17.74 13.06 -35.39
C TYR A 83 -17.54 11.93 -36.43
N SER A 84 -16.94 10.85 -35.90
CA SER A 84 -16.63 9.67 -36.74
C SER A 84 -17.97 9.15 -37.23
N SER A 85 -18.98 9.06 -36.36
CA SER A 85 -20.30 8.49 -36.73
C SER A 85 -20.83 9.24 -37.94
N VAL A 86 -20.93 10.55 -37.84
CA VAL A 86 -21.58 11.26 -38.97
C VAL A 86 -20.84 10.91 -40.28
N THR A 87 -19.55 11.29 -40.31
CA THR A 87 -18.93 11.16 -41.67
C THR A 87 -18.88 9.70 -42.13
N ALA A 88 -18.50 8.77 -41.28
CA ALA A 88 -18.29 7.37 -41.71
C ALA A 88 -19.59 6.73 -42.17
N PRO A 89 -20.69 6.74 -41.39
CA PRO A 89 -21.91 6.19 -41.98
C PRO A 89 -22.25 6.77 -43.34
N LYS A 90 -22.22 8.10 -43.46
CA LYS A 90 -22.69 8.60 -44.78
C LYS A 90 -21.77 8.04 -45.87
N MET A 91 -20.45 8.09 -45.68
CA MET A 91 -19.50 7.67 -46.75
C MET A 91 -19.68 6.20 -47.10
N ILE A 92 -19.79 5.28 -46.14
CA ILE A 92 -19.86 3.83 -46.49
C ILE A 92 -21.16 3.58 -47.28
N VAL A 93 -22.25 4.19 -46.81
CA VAL A 93 -23.53 3.88 -47.52
C VAL A 93 -23.33 4.36 -48.96
N ASP A 94 -22.75 5.56 -49.13
CA ASP A 94 -22.58 6.17 -50.49
C ASP A 94 -21.67 5.29 -51.36
N LEU A 95 -20.61 4.72 -50.80
CA LEU A 95 -19.66 3.83 -51.53
C LEU A 95 -20.37 2.59 -52.07
N LEU A 96 -21.24 1.89 -51.31
CA LEU A 96 -21.87 0.67 -51.96
C LEU A 96 -22.92 1.07 -53.02
N SER A 97 -23.33 2.32 -53.08
CA SER A 97 -24.46 2.91 -53.82
C SER A 97 -24.06 3.51 -55.16
N GLU A 98 -24.86 3.27 -56.21
CA GLU A 98 -24.64 3.85 -57.54
C GLU A 98 -25.03 5.34 -57.60
N ARG A 99 -26.17 5.71 -56.99
CA ARG A 99 -26.55 7.10 -56.71
C ARG A 99 -25.87 7.60 -55.44
N LYS A 100 -25.47 8.88 -55.39
CA LYS A 100 -24.67 9.46 -54.28
C LYS A 100 -25.24 10.78 -53.79
N THR A 101 -26.56 10.83 -53.56
CA THR A 101 -27.25 12.05 -53.14
C THR A 101 -27.22 12.28 -51.62
N ILE A 102 -27.50 13.53 -51.23
CA ILE A 102 -27.88 13.94 -49.87
C ILE A 102 -28.94 15.05 -49.99
N SER A 103 -29.95 15.08 -49.13
CA SER A 103 -30.97 16.13 -49.15
C SER A 103 -30.47 17.46 -48.58
N PHE A 104 -31.16 18.55 -48.90
CA PHE A 104 -30.83 19.89 -48.37
C PHE A 104 -30.81 19.94 -46.84
N ASN A 105 -31.81 19.33 -46.19
CA ASN A 105 -31.87 19.20 -44.72
C ASN A 105 -30.75 18.31 -44.17
N GLY A 106 -30.38 17.24 -44.88
CA GLY A 106 -29.23 16.42 -44.52
C GLY A 106 -27.92 17.21 -44.57
N CYS A 107 -27.76 18.12 -45.53
CA CYS A 107 -26.54 18.97 -45.63
C CYS A 107 -26.39 19.89 -44.42
N MET A 108 -27.39 20.71 -44.10
CA MET A 108 -27.31 21.71 -43.00
C MET A 108 -27.11 20.98 -41.67
N THR A 109 -27.82 19.88 -41.45
CA THR A 109 -27.72 19.09 -40.20
C THR A 109 -26.31 18.54 -40.09
N GLN A 110 -25.75 18.04 -41.20
CA GLN A 110 -24.39 17.46 -41.17
C GLN A 110 -23.46 18.58 -40.76
N ILE A 111 -23.63 19.77 -41.34
CA ILE A 111 -22.70 20.89 -41.05
C ILE A 111 -22.78 21.16 -39.54
N PHE A 112 -23.98 21.29 -38.99
CA PHE A 112 -24.09 21.65 -37.55
C PHE A 112 -23.45 20.56 -36.70
N PHE A 113 -23.76 19.29 -36.91
CA PHE A 113 -23.22 18.30 -35.94
C PHE A 113 -21.70 18.30 -36.06
N LEU A 114 -21.16 18.33 -37.27
CA LEU A 114 -19.69 18.20 -37.39
C LEU A 114 -19.09 19.36 -36.63
N HIS A 115 -19.48 20.61 -36.88
CA HIS A 115 -18.83 21.81 -36.25
C HIS A 115 -18.94 21.83 -34.72
N PHE A 116 -20.10 21.56 -34.13
CA PHE A 116 -20.31 21.64 -32.67
C PHE A 116 -19.36 20.66 -31.97
N PHE A 117 -19.32 19.41 -32.42
CA PHE A 117 -18.46 18.37 -31.79
C PHE A 117 -17.00 18.80 -31.93
N GLY A 118 -16.59 19.30 -33.10
CA GLY A 118 -15.18 19.69 -33.33
C GLY A 118 -14.74 20.83 -32.43
N GLY A 119 -15.60 21.83 -32.28
CA GLY A 119 -15.29 22.97 -31.39
C GLY A 119 -15.17 22.49 -29.95
N ALA A 120 -16.08 21.61 -29.53
CA ALA A 120 -16.04 21.08 -28.16
C ALA A 120 -14.71 20.36 -27.99
N GLU A 121 -14.28 19.58 -28.98
CA GLU A 121 -13.01 18.83 -28.89
C GLU A 121 -11.83 19.80 -28.77
N MET A 122 -11.75 20.87 -29.56
CA MET A 122 -10.63 21.86 -29.39
C MET A 122 -10.64 22.51 -27.99
N PHE A 123 -11.80 22.92 -27.50
CA PHE A 123 -11.84 23.59 -26.17
C PHE A 123 -11.40 22.58 -25.12
N LEU A 124 -11.83 21.31 -25.18
CA LEU A 124 -11.48 20.26 -24.19
C LEU A 124 -9.98 19.98 -24.29
N LEU A 125 -9.38 20.06 -25.48
CA LEU A 125 -7.92 19.89 -25.66
C LEU A 125 -7.17 21.06 -25.02
N VAL A 126 -7.64 22.31 -25.07
CA VAL A 126 -6.89 23.40 -24.34
C VAL A 126 -7.04 23.21 -22.81
N VAL A 127 -8.15 22.69 -22.27
CA VAL A 127 -8.40 22.43 -20.80
C VAL A 127 -7.47 21.31 -20.32
N MET A 128 -7.25 20.26 -21.10
CA MET A 128 -6.34 19.14 -20.75
C MET A 128 -4.88 19.60 -20.74
N ALA A 129 -4.44 20.51 -21.64
CA ALA A 129 -3.04 21.03 -21.66
C ALA A 129 -2.79 21.88 -20.41
N TYR A 130 -3.81 22.51 -19.83
CA TYR A 130 -3.73 23.29 -18.60
C TYR A 130 -3.51 22.40 -17.37
N ASP A 131 -4.20 21.27 -17.26
CA ASP A 131 -3.93 20.30 -16.19
C ASP A 131 -2.47 19.79 -16.20
N ARG A 132 -1.86 19.52 -17.36
CA ARG A 132 -0.42 19.18 -17.43
C ARG A 132 0.46 20.21 -16.76
N TYR A 133 0.16 21.49 -16.90
CA TYR A 133 1.00 22.55 -16.38
C TYR A 133 0.87 22.70 -14.86
N VAL A 134 -0.34 22.76 -14.31
CA VAL A 134 -0.54 22.87 -12.85
C VAL A 134 -0.05 21.62 -12.12
N ALA A 135 -0.16 20.43 -12.70
CA ALA A 135 0.36 19.21 -12.09
C ALA A 135 1.89 19.09 -12.08
N ILE A 136 2.63 19.91 -12.83
CA ILE A 136 4.09 19.81 -13.01
C ILE A 136 4.84 21.08 -12.56
N CYS A 137 4.22 22.26 -12.53
CA CYS A 137 4.85 23.52 -12.06
C CYS A 137 4.17 24.20 -10.85
N LYS A 138 3.10 23.60 -10.30
CA LYS A 138 2.43 23.98 -9.04
C LYS A 138 2.14 22.72 -8.18
N PRO A 139 3.05 21.75 -8.02
CA PRO A 139 2.69 20.40 -7.59
C PRO A 139 2.10 20.30 -6.18
N LEU A 140 2.46 21.19 -5.24
CA LEU A 140 1.85 21.25 -3.91
C LEU A 140 0.44 21.90 -3.87
N HIS A 141 0.07 22.68 -4.90
CA HIS A 141 -1.22 23.38 -5.04
C HIS A 141 -2.20 22.71 -6.00
N TYR A 142 -1.84 21.58 -6.60
CA TYR A 142 -2.69 20.87 -7.54
C TYR A 142 -4.05 20.51 -6.95
N LEU A 143 -4.08 19.85 -5.79
CA LEU A 143 -5.28 19.47 -5.04
C LEU A 143 -5.87 20.65 -4.25
N THR A 144 -6.06 21.75 -4.95
CA THR A 144 -6.77 22.97 -4.55
C THR A 144 -7.26 23.67 -5.82
N ILE A 145 -6.38 23.82 -6.81
CA ILE A 145 -6.70 24.41 -8.12
C ILE A 145 -7.60 23.47 -8.95
N MET A 146 -7.25 22.19 -9.08
CA MET A 146 -8.03 21.18 -9.84
C MET A 146 -8.91 20.30 -8.95
N ASN A 147 -9.56 20.89 -7.94
CA ASN A 147 -10.47 20.15 -7.05
C ASN A 147 -11.76 19.72 -7.77
N ARG A 148 -12.53 18.83 -7.15
CA ARG A 148 -13.74 18.18 -7.72
C ARG A 148 -14.70 19.14 -8.39
N ARG A 149 -14.95 20.31 -7.80
CA ARG A 149 -15.99 21.25 -8.23
C ARG A 149 -15.60 22.09 -9.44
N VAL A 150 -14.33 22.08 -9.85
CA VAL A 150 -13.84 22.76 -11.07
C VAL A 150 -13.84 21.84 -12.30
N CYS A 151 -13.45 20.57 -12.19
CA CYS A 151 -13.44 19.67 -13.35
C CYS A 151 -14.81 19.55 -14.04
N VAL A 152 -15.88 19.41 -13.25
CA VAL A 152 -17.25 19.36 -13.77
C VAL A 152 -17.63 20.66 -14.47
N LEU A 153 -17.16 21.82 -13.99
CA LEU A 153 -17.46 23.09 -14.64
C LEU A 153 -16.71 23.27 -15.97
N LEU A 154 -15.41 22.98 -16.04
CA LEU A 154 -14.61 23.19 -17.25
C LEU A 154 -15.06 22.32 -18.42
N VAL A 155 -15.42 21.07 -18.19
CA VAL A 155 -16.01 20.21 -19.23
C VAL A 155 -17.34 20.77 -19.71
N ALA A 156 -18.26 21.17 -18.83
CA ALA A 156 -19.54 21.74 -19.26
C ALA A 156 -19.38 23.05 -20.05
N VAL A 157 -18.38 23.88 -19.74
CA VAL A 157 -18.03 25.08 -20.51
C VAL A 157 -17.44 24.74 -21.89
N ALA A 158 -16.62 23.69 -22.02
CA ALA A 158 -16.11 23.25 -23.31
C ALA A 158 -17.24 22.89 -24.29
N TRP A 159 -18.26 22.17 -23.83
CA TRP A 159 -19.45 21.83 -24.63
C TRP A 159 -20.27 23.06 -25.05
N VAL A 160 -20.51 24.04 -24.16
CA VAL A 160 -21.21 25.29 -24.55
C VAL A 160 -20.39 26.13 -25.54
N GLY A 161 -19.07 26.24 -25.35
CA GLY A 161 -18.19 26.90 -26.32
C GLY A 161 -18.24 26.23 -27.69
N GLY A 162 -18.18 24.89 -27.73
CA GLY A 162 -18.33 24.12 -28.96
C GLY A 162 -19.67 24.34 -29.64
N PHE A 163 -20.77 24.48 -28.89
CA PHE A 163 -22.08 24.75 -29.47
C PHE A 163 -22.14 26.11 -30.16
N LEU A 164 -21.75 27.19 -29.47
CA LEU A 164 -21.78 28.54 -30.06
C LEU A 164 -20.88 28.63 -31.31
N HIS A 165 -19.72 27.98 -31.26
CA HIS A 165 -18.78 27.87 -32.38
C HIS A 165 -19.41 27.32 -33.66
N SER A 166 -20.44 26.47 -33.55
CA SER A 166 -21.20 25.94 -34.68
C SER A 166 -22.41 26.80 -35.05
N ILE A 167 -23.16 27.31 -34.06
CA ILE A 167 -24.31 28.19 -34.29
C ILE A 167 -23.93 29.46 -35.08
N ILE A 168 -22.81 30.09 -34.73
CA ILE A 168 -22.29 31.27 -35.43
C ILE A 168 -22.05 30.96 -36.92
N GLN A 169 -21.50 29.80 -37.27
CA GLN A 169 -21.31 29.39 -38.67
C GLN A 169 -22.65 29.23 -39.38
N LEU A 170 -23.57 28.46 -38.78
CA LEU A 170 -24.81 28.01 -39.43
C LEU A 170 -25.76 29.16 -39.80
N ALA A 171 -25.73 30.25 -39.02
CA ALA A 171 -26.70 31.34 -39.08
C ALA A 171 -26.94 31.92 -40.48
N PHE A 172 -25.91 32.00 -41.32
CA PHE A 172 -26.03 32.49 -42.71
C PHE A 172 -26.23 31.40 -43.76
N ILE A 173 -25.67 30.19 -43.56
CA ILE A 173 -25.72 29.11 -44.57
C ILE A 173 -27.17 28.78 -44.95
N VAL A 174 -28.02 28.65 -43.93
CA VAL A 174 -29.43 28.30 -44.08
C VAL A 174 -30.25 29.34 -44.86
N GLN A 175 -29.71 30.55 -45.04
CA GLN A 175 -30.40 31.66 -45.73
C GLN A 175 -30.02 31.77 -47.22
N LEU A 176 -28.98 31.07 -47.68
CA LEU A 176 -28.47 31.19 -49.04
C LEU A 176 -29.45 30.59 -50.08
N PRO A 177 -29.77 31.31 -51.17
CA PRO A 177 -30.48 30.75 -52.32
C PRO A 177 -29.53 29.95 -53.24
N PHE A 178 -30.00 28.83 -53.79
CA PHE A 178 -29.23 27.97 -54.70
C PHE A 178 -30.00 27.67 -55.99
N CYS A 179 -29.31 27.83 -57.14
CA CYS A 179 -29.80 27.49 -58.49
C CYS A 179 -28.72 26.80 -59.37
N GLY A 180 -27.50 26.62 -58.86
CA GLY A 180 -26.38 26.01 -59.58
C GLY A 180 -26.50 24.48 -59.73
N PRO A 181 -25.46 23.81 -60.26
CA PRO A 181 -25.41 22.35 -60.35
C PRO A 181 -25.44 21.69 -58.97
N ASN A 182 -25.94 20.45 -58.91
CA ASN A 182 -26.09 19.70 -57.64
C ASN A 182 -24.75 19.25 -57.03
N VAL A 183 -23.66 19.31 -57.80
CA VAL A 183 -22.39 18.62 -57.52
C VAL A 183 -21.60 19.27 -56.38
N ILE A 184 -21.16 18.45 -55.42
CA ILE A 184 -20.16 18.77 -54.41
C ILE A 184 -18.94 17.87 -54.65
N ASP A 185 -17.77 18.49 -54.84
CA ASP A 185 -16.50 17.79 -55.09
C ASP A 185 -15.84 17.30 -53.79
N SER A 186 -16.52 16.40 -53.08
CA SER A 186 -16.14 15.87 -51.76
C SER A 186 -16.86 14.55 -51.48
N PHE A 187 -16.47 13.83 -50.43
CA PHE A 187 -17.21 12.70 -49.86
C PHE A 187 -18.17 13.09 -48.71
N PHE A 188 -18.17 14.35 -48.26
CA PHE A 188 -19.07 14.91 -47.22
C PHE A 188 -19.26 16.42 -47.39
N CYS A 189 -20.32 16.99 -46.79
CA CYS A 189 -20.64 18.41 -46.91
C CYS A 189 -19.78 19.32 -46.02
N ASP A 190 -19.38 20.50 -46.52
CA ASP A 190 -18.72 21.54 -45.73
C ASP A 190 -18.86 22.92 -46.40
N LEU A 191 -18.58 24.02 -45.69
CA LEU A 191 -18.74 25.38 -46.21
C LEU A 191 -17.89 25.68 -47.46
N PRO A 192 -16.61 25.29 -47.56
CA PRO A 192 -15.79 25.65 -48.73
C PRO A 192 -16.39 25.23 -50.10
N PRO A 193 -16.91 24.00 -50.30
CA PRO A 193 -17.64 23.69 -51.52
C PRO A 193 -19.03 24.33 -51.57
N VAL A 194 -19.80 24.35 -50.47
CA VAL A 194 -21.18 24.88 -50.49
C VAL A 194 -21.22 26.37 -50.92
N LEU A 195 -20.26 27.18 -50.47
CA LEU A 195 -20.15 28.60 -50.85
C LEU A 195 -20.01 28.82 -52.35
N LYS A 196 -19.46 27.85 -53.10
CA LYS A 196 -19.33 27.94 -54.57
C LYS A 196 -20.68 27.84 -55.29
N LEU A 197 -21.68 27.21 -54.67
CA LEU A 197 -22.98 26.89 -55.29
C LEU A 197 -24.07 27.96 -55.07
N ALA A 198 -23.93 28.85 -54.08
CA ALA A 198 -24.92 29.88 -53.77
C ALA A 198 -25.01 30.98 -54.84
N CYS A 199 -26.20 31.56 -55.05
CA CYS A 199 -26.45 32.55 -56.11
C CYS A 199 -25.95 33.96 -55.75
N THR A 200 -26.23 34.41 -54.52
CA THR A 200 -25.90 35.76 -54.02
C THR A 200 -24.46 35.87 -53.53
N ASP A 201 -23.93 37.09 -53.44
CA ASP A 201 -22.56 37.34 -52.97
C ASP A 201 -22.37 36.95 -51.49
N THR A 202 -21.55 35.93 -51.23
CA THR A 202 -21.32 35.33 -49.91
C THR A 202 -20.24 36.03 -49.08
N TYR A 203 -19.66 37.14 -49.53
CA TYR A 203 -18.39 37.70 -49.01
C TYR A 203 -18.29 37.77 -47.47
N VAL A 204 -19.32 38.27 -46.78
CA VAL A 204 -19.31 38.38 -45.32
C VAL A 204 -19.25 37.01 -44.61
N LEU A 205 -19.98 36.00 -45.11
CA LEU A 205 -19.86 34.63 -44.60
C LEU A 205 -18.45 34.06 -44.89
N GLY A 206 -17.85 34.40 -46.03
CA GLY A 206 -16.46 34.03 -46.34
C GLY A 206 -15.48 34.57 -45.29
N LEU A 207 -15.59 35.84 -44.92
CA LEU A 207 -14.80 36.43 -43.83
C LEU A 207 -15.10 35.75 -42.49
N LEU A 208 -16.37 35.45 -42.21
CA LEU A 208 -16.78 34.81 -40.97
C LEU A 208 -16.16 33.42 -40.80
N VAL A 209 -16.05 32.60 -41.86
CA VAL A 209 -15.36 31.31 -41.77
C VAL A 209 -13.90 31.47 -41.36
N ILE A 210 -13.19 32.46 -41.94
CA ILE A 210 -11.78 32.71 -41.62
C ILE A 210 -11.62 33.10 -40.14
N ALA A 211 -12.47 34.02 -39.67
CA ALA A 211 -12.43 34.48 -38.28
C ALA A 211 -12.85 33.37 -37.28
N ASN A 212 -13.99 32.73 -37.49
CA ASN A 212 -14.56 31.74 -36.58
C ASN A 212 -13.73 30.45 -36.51
N SER A 213 -13.31 29.92 -37.66
CA SER A 213 -12.73 28.57 -37.74
C SER A 213 -11.24 28.58 -38.07
N GLY A 214 -10.75 29.55 -38.85
CA GLY A 214 -9.32 29.70 -39.14
C GLY A 214 -8.54 30.17 -37.92
N LEU A 215 -8.71 31.43 -37.53
CA LEU A 215 -7.90 32.06 -36.48
C LEU A 215 -8.04 31.41 -35.10
N ILE A 216 -9.24 31.02 -34.68
CA ILE A 216 -9.42 30.33 -33.38
C ILE A 216 -8.64 29.01 -33.34
N SER A 217 -8.60 28.25 -34.44
CA SER A 217 -7.80 27.02 -34.50
C SER A 217 -6.31 27.31 -34.35
N LEU A 218 -5.80 28.38 -34.98
CA LEU A 218 -4.40 28.78 -34.84
C LEU A 218 -4.07 29.20 -33.40
N LEU A 219 -4.95 29.96 -32.74
CA LEU A 219 -4.77 30.34 -31.34
C LEU A 219 -4.71 29.12 -30.42
N CYS A 220 -5.62 28.16 -30.57
CA CYS A 220 -5.60 26.94 -29.75
C CYS A 220 -4.33 26.12 -29.99
N PHE A 221 -3.80 26.09 -31.21
CA PHE A 221 -2.54 25.42 -31.50
C PHE A 221 -1.38 26.07 -30.75
N LEU A 222 -1.30 27.40 -30.67
CA LEU A 222 -0.25 28.08 -29.91
C LEU A 222 -0.33 27.78 -28.40
N LEU A 223 -1.54 27.81 -27.82
CA LEU A 223 -1.74 27.51 -26.40
C LEU A 223 -1.42 26.05 -26.04
N LEU A 224 -1.60 25.10 -26.97
CA LEU A 224 -1.07 23.74 -26.81
C LEU A 224 0.46 23.72 -26.84
N LEU A 225 1.08 24.38 -27.83
CA LEU A 225 2.53 24.34 -28.03
C LEU A 225 3.33 24.92 -26.85
N ILE A 226 2.92 26.07 -26.30
CA ILE A 226 3.61 26.70 -25.16
C ILE A 226 3.58 25.83 -23.89
N SER A 227 2.51 25.06 -23.66
CA SER A 227 2.43 24.16 -22.51
C SER A 227 3.54 23.11 -22.51
N TYR A 228 3.88 22.52 -23.66
CA TYR A 228 5.00 21.58 -23.78
C TYR A 228 6.37 22.27 -23.69
N VAL A 229 6.55 23.45 -24.30
CA VAL A 229 7.82 24.18 -24.23
C VAL A 229 8.14 24.65 -22.81
N VAL A 230 7.18 25.15 -22.04
CA VAL A 230 7.41 25.50 -20.63
C VAL A 230 7.74 24.27 -19.78
N ILE A 231 7.03 23.15 -19.93
CA ILE A 231 7.35 21.91 -19.21
C ILE A 231 8.76 21.41 -19.55
N LEU A 232 9.17 21.31 -20.81
CA LEU A 232 10.51 20.84 -21.17
C LEU A 232 11.64 21.80 -20.75
N VAL A 233 11.34 23.07 -20.41
CA VAL A 233 12.31 23.97 -19.76
C VAL A 233 12.30 23.80 -18.23
N SER A 234 11.15 23.52 -17.62
CA SER A 234 11.05 23.25 -16.17
C SER A 234 11.74 21.94 -15.75
N LEU A 235 11.68 20.89 -16.57
CA LEU A 235 12.39 19.62 -16.36
C LEU A 235 13.91 19.68 -16.60
N ARG A 236 14.48 20.82 -17.03
CA ARG A 236 15.89 20.92 -17.49
C ARG A 236 16.95 20.59 -16.43
N SER A 237 16.59 20.57 -15.14
CA SER A 237 17.48 20.21 -14.03
C SER A 237 17.60 18.69 -13.76
N HIS A 238 16.75 17.84 -14.36
CA HIS A 238 16.75 16.38 -14.13
C HIS A 238 17.98 15.65 -14.71
N SER A 239 18.09 14.36 -14.42
CA SER A 239 19.13 13.46 -14.95
C SER A 239 19.21 13.50 -16.48
N SER A 240 20.43 13.55 -17.03
CA SER A 240 20.67 13.52 -18.48
C SER A 240 20.19 12.24 -19.16
N GLU A 241 20.06 11.15 -18.40
CA GLU A 241 19.48 9.87 -18.85
C GLU A 241 17.94 9.87 -18.78
N GLY A 242 17.35 10.72 -17.93
CA GLY A 242 15.90 10.83 -17.76
C GLY A 242 15.22 11.66 -18.85
N ARG A 243 15.84 12.77 -19.28
CA ARG A 243 15.25 13.66 -20.30
C ARG A 243 15.02 12.99 -21.64
N SER A 244 15.80 11.97 -22.01
CA SER A 244 15.58 11.18 -23.23
C SER A 244 14.20 10.49 -23.28
N LYS A 245 13.58 10.24 -22.12
CA LYS A 245 12.20 9.74 -22.04
C LYS A 245 11.17 10.86 -22.24
N ALA A 246 11.33 12.00 -21.56
CA ALA A 246 10.38 13.11 -21.65
C ALA A 246 10.29 13.68 -23.07
N LEU A 247 11.41 13.86 -23.75
CA LEU A 247 11.45 14.37 -25.14
C LEU A 247 10.86 13.38 -26.17
N SER A 248 11.01 12.07 -25.95
CA SER A 248 10.36 11.02 -26.73
C SER A 248 8.84 11.01 -26.54
N THR A 249 8.33 11.02 -25.30
CA THR A 249 6.87 11.07 -25.07
C THR A 249 6.25 12.31 -25.68
N CYS A 250 6.81 13.49 -25.42
CA CYS A 250 6.31 14.78 -25.95
C CYS A 250 6.21 14.79 -27.49
N THR A 251 7.19 14.22 -28.20
CA THR A 251 7.18 14.18 -29.67
C THR A 251 6.02 13.37 -30.25
N SER A 252 5.57 12.30 -29.58
CA SER A 252 4.35 11.57 -30.02
C SER A 252 3.09 12.43 -29.89
N HIS A 253 2.96 13.24 -28.83
CA HIS A 253 1.78 14.09 -28.62
C HIS A 253 1.70 15.20 -29.67
N ILE A 254 2.79 15.92 -29.92
CA ILE A 254 2.79 17.00 -30.93
C ILE A 254 2.55 16.44 -32.35
N THR A 255 2.94 15.20 -32.64
CA THR A 255 2.67 14.55 -33.94
C THR A 255 1.18 14.28 -34.19
N VAL A 256 0.39 13.97 -33.16
CA VAL A 256 -1.08 13.85 -33.29
C VAL A 256 -1.73 15.22 -33.46
N VAL A 257 -1.36 16.21 -32.65
CA VAL A 257 -1.92 17.58 -32.69
C VAL A 257 -1.87 18.16 -34.10
N ILE A 258 -0.74 18.02 -34.81
CA ILE A 258 -0.59 18.52 -36.19
C ILE A 258 -1.58 17.87 -37.18
N LEU A 259 -1.99 16.60 -37.02
CA LEU A 259 -2.98 15.98 -37.90
C LEU A 259 -4.40 16.51 -37.68
N PHE A 260 -4.76 16.98 -36.49
CA PHE A 260 -6.02 17.68 -36.27
C PHE A 260 -5.93 19.13 -36.75
N PHE A 261 -4.98 19.92 -36.23
CA PHE A 261 -4.95 21.35 -36.43
C PHE A 261 -4.41 21.77 -37.79
N GLY A 262 -3.41 21.08 -38.35
CA GLY A 262 -2.76 21.45 -39.61
C GLY A 262 -3.73 21.58 -40.80
N PRO A 263 -4.53 20.55 -41.12
CA PRO A 263 -5.57 20.63 -42.13
C PRO A 263 -6.62 21.74 -41.88
N CYS A 264 -6.98 22.01 -40.62
CA CYS A 264 -7.90 23.09 -40.28
C CYS A 264 -7.32 24.46 -40.66
N ILE A 265 -6.04 24.73 -40.33
CA ILE A 265 -5.41 26.00 -40.72
C ILE A 265 -5.32 26.09 -42.25
N PHE A 266 -4.88 25.02 -42.91
CA PHE A 266 -4.68 24.97 -44.36
C PHE A 266 -5.98 25.26 -45.15
N ILE A 267 -7.11 24.65 -44.78
CA ILE A 267 -8.37 24.85 -45.51
C ILE A 267 -9.09 26.14 -45.09
N TYR A 268 -9.43 26.31 -43.81
CA TYR A 268 -10.39 27.36 -43.42
C TYR A 268 -9.83 28.79 -43.49
N THR A 269 -8.52 28.98 -43.64
CA THR A 269 -7.94 30.30 -43.92
C THR A 269 -8.11 30.74 -45.38
N ARG A 270 -8.53 29.86 -46.30
CA ARG A 270 -8.68 30.13 -47.75
C ARG A 270 -10.00 29.54 -48.32
N PRO A 271 -11.17 29.97 -47.82
CA PRO A 271 -12.45 29.35 -48.18
C PRO A 271 -12.92 29.63 -49.62
N PHE A 272 -12.46 30.73 -50.24
CA PHE A 272 -12.96 31.18 -51.55
C PHE A 272 -12.51 30.32 -52.75
N THR A 273 -11.53 29.43 -52.57
CA THR A 273 -10.90 28.66 -53.67
C THR A 273 -10.62 27.22 -53.25
N THR A 274 -10.52 26.31 -54.23
CA THR A 274 -10.38 24.85 -54.01
C THR A 274 -9.41 24.20 -54.98
N PHE A 275 -8.84 23.06 -54.59
CA PHE A 275 -7.90 22.26 -55.38
C PHE A 275 -8.22 20.76 -55.23
N PRO A 276 -7.84 19.88 -56.17
CA PRO A 276 -8.08 18.44 -56.05
C PRO A 276 -7.52 17.83 -54.75
N MET A 277 -6.36 18.30 -54.30
CA MET A 277 -5.71 17.82 -53.07
C MET A 277 -6.45 18.21 -51.78
N ASP A 278 -7.48 19.06 -51.82
CA ASP A 278 -8.33 19.30 -50.65
C ASP A 278 -8.98 18.00 -50.16
N LYS A 279 -9.39 17.10 -51.07
CA LYS A 279 -9.96 15.79 -50.73
C LYS A 279 -8.94 14.89 -50.04
N PHE A 280 -7.73 14.80 -50.59
CA PHE A 280 -6.61 14.07 -50.00
C PHE A 280 -6.25 14.56 -48.59
N VAL A 281 -6.27 15.89 -48.36
CA VAL A 281 -6.03 16.49 -47.04
C VAL A 281 -7.20 16.30 -46.08
N ALA A 282 -8.45 16.29 -46.56
CA ALA A 282 -9.63 16.26 -45.69
C ALA A 282 -9.75 14.98 -44.84
N VAL A 283 -9.29 13.83 -45.31
CA VAL A 283 -9.47 12.55 -44.61
C VAL A 283 -8.82 12.53 -43.22
N PHE A 284 -7.70 13.23 -43.02
CA PHE A 284 -6.88 13.09 -41.82
C PHE A 284 -7.58 13.53 -40.52
N TYR A 285 -8.38 14.60 -40.54
CA TYR A 285 -9.16 14.97 -39.35
C TYR A 285 -10.48 14.20 -39.24
N THR A 286 -11.24 14.03 -40.33
CA THR A 286 -12.60 13.47 -40.25
C THR A 286 -12.68 11.95 -40.08
N VAL A 287 -11.65 11.17 -40.45
CA VAL A 287 -11.63 9.70 -40.20
C VAL A 287 -10.37 9.21 -39.48
N ILE A 288 -9.17 9.63 -39.86
CA ILE A 288 -7.92 9.07 -39.28
C ILE A 288 -7.70 9.52 -37.83
N THR A 289 -7.76 10.81 -37.51
CA THR A 289 -7.38 11.31 -36.17
C THR A 289 -8.12 10.64 -35.01
N PRO A 290 -9.44 10.41 -35.03
CA PRO A 290 -10.14 9.72 -33.95
C PRO A 290 -9.71 8.26 -33.71
N LEU A 291 -9.00 7.63 -34.66
CA LEU A 291 -8.39 6.32 -34.48
C LEU A 291 -7.03 6.40 -33.75
N LEU A 292 -6.38 7.57 -33.75
CA LEU A 292 -5.09 7.82 -33.10
C LEU A 292 -5.23 8.29 -31.65
N ASN A 293 -6.18 9.18 -31.35
CA ASN A 293 -6.43 9.64 -29.98
C ASN A 293 -6.56 8.51 -28.93
N PRO A 294 -7.27 7.38 -29.18
CA PRO A 294 -7.47 6.36 -28.17
C PRO A 294 -6.20 5.59 -27.84
N LEU A 295 -5.34 5.31 -28.83
CA LEU A 295 -4.04 4.70 -28.60
C LEU A 295 -3.12 5.66 -27.84
N ILE A 296 -2.85 6.82 -28.43
CA ILE A 296 -1.71 7.65 -28.02
C ILE A 296 -1.89 8.27 -26.63
N TYR A 297 -3.11 8.53 -26.18
CA TYR A 297 -3.40 9.00 -24.84
C TYR A 297 -3.71 7.90 -23.80
N THR A 298 -3.78 6.61 -24.15
CA THR A 298 -4.12 5.55 -23.15
C THR A 298 -3.28 4.28 -23.17
N LEU A 299 -2.77 3.79 -24.31
CA LEU A 299 -1.91 2.60 -24.36
C LEU A 299 -0.68 2.74 -23.44
N ARG A 300 -0.08 3.93 -23.45
CA ARG A 300 1.23 4.25 -22.86
C ARG A 300 1.20 4.56 -21.36
N ASN A 301 0.04 4.45 -20.70
CA ASN A 301 -0.16 4.95 -19.34
C ASN A 301 0.28 3.98 -18.21
N LYS A 302 0.56 2.70 -18.51
CA LYS A 302 0.83 1.58 -17.55
C LYS A 302 -0.34 1.21 -16.62
N GLU A 303 -1.10 2.17 -16.11
CA GLU A 303 -2.33 1.93 -15.33
C GLU A 303 -3.43 1.25 -16.16
N MET A 304 -3.59 1.68 -17.41
CA MET A 304 -4.74 1.28 -18.23
C MET A 304 -4.71 -0.22 -18.57
N LYS A 305 -3.54 -0.78 -18.86
CA LYS A 305 -3.39 -2.22 -19.11
C LYS A 305 -3.83 -3.04 -17.92
N ALA A 306 -3.42 -2.67 -16.71
CA ALA A 306 -3.86 -3.35 -15.48
C ALA A 306 -5.37 -3.23 -15.25
N ALA A 307 -5.95 -2.03 -15.41
CA ALA A 307 -7.39 -1.83 -15.28
C ALA A 307 -8.22 -2.62 -16.31
N MET A 308 -7.71 -2.81 -17.53
CA MET A 308 -8.35 -3.66 -18.54
C MET A 308 -8.19 -5.16 -18.22
N ARG A 309 -6.97 -5.64 -17.92
CA ARG A 309 -6.75 -7.07 -17.62
C ARG A 309 -7.50 -7.55 -16.38
N LYS A 310 -7.79 -6.65 -15.44
CA LYS A 310 -8.69 -6.90 -14.31
C LYS A 310 -10.10 -7.27 -14.76
N LEU A 311 -10.75 -6.46 -15.59
CA LEU A 311 -12.09 -6.78 -16.11
C LEU A 311 -12.11 -8.01 -17.02
N TRP A 312 -11.16 -8.10 -17.96
CA TRP A 312 -11.05 -9.22 -18.91
C TRP A 312 -10.90 -10.57 -18.21
N SER A 313 -9.97 -10.69 -17.25
CA SER A 313 -9.79 -11.95 -16.52
C SER A 313 -10.99 -12.32 -15.64
N ARG A 314 -11.57 -11.37 -14.88
CA ARG A 314 -12.71 -11.64 -13.97
C ARG A 314 -14.00 -12.05 -14.68
N LYS A 315 -14.33 -11.43 -15.82
CA LYS A 315 -15.53 -11.74 -16.61
C LYS A 315 -15.58 -13.14 -17.23
N VAL A 316 -14.45 -13.88 -17.23
CA VAL A 316 -14.43 -15.32 -17.58
C VAL A 316 -15.25 -16.16 -16.57
N ILE A 317 -15.21 -15.78 -15.29
CA ILE A 317 -15.65 -16.59 -14.14
C ILE A 317 -17.06 -16.26 -13.65
N SER A 318 -17.67 -15.15 -14.06
CA SER A 318 -19.07 -14.77 -13.72
C SER A 318 -20.13 -15.79 -14.18
N SER A 319 -19.78 -16.71 -15.10
CA SER A 319 -20.60 -17.86 -15.50
C SER A 319 -20.69 -18.96 -14.42
N ARG A 320 -19.76 -18.95 -13.46
CA ARG A 320 -19.52 -19.99 -12.44
C ARG A 320 -20.09 -19.62 -11.06
N LYS A 321 -19.73 -18.44 -10.53
CA LYS A 321 -20.09 -18.00 -9.17
C LYS A 321 -21.59 -17.81 -9.01
N GLN B 1 11.41 -24.65 19.54
CA GLN B 1 11.52 -23.22 19.78
C GLN B 1 12.82 -22.66 19.22
N VAL B 2 12.79 -21.39 18.80
CA VAL B 2 13.97 -20.74 18.25
C VAL B 2 14.99 -20.61 19.37
N GLN B 3 16.09 -21.37 19.26
CA GLN B 3 17.10 -21.45 20.31
C GLN B 3 18.48 -21.36 19.68
N LEU B 4 19.39 -20.68 20.37
CA LEU B 4 20.73 -20.39 19.85
C LEU B 4 21.72 -20.53 20.99
N GLN B 5 22.61 -21.53 20.90
CA GLN B 5 23.62 -21.79 21.92
C GLN B 5 24.98 -21.36 21.38
N GLU B 6 25.54 -20.31 21.95
CA GLU B 6 26.89 -19.89 21.62
C GLU B 6 27.91 -20.66 22.45
N SER B 7 29.12 -20.77 21.91
CA SER B 7 30.21 -21.41 22.62
C SER B 7 31.52 -20.93 22.01
N GLY B 8 32.60 -21.10 22.77
CA GLY B 8 33.94 -20.74 22.33
C GLY B 8 34.57 -19.65 23.17
N GLY B 9 33.76 -18.72 23.67
CA GLY B 9 34.30 -17.64 24.46
C GLY B 9 34.90 -18.15 25.75
N GLY B 10 36.03 -17.55 26.14
CA GLY B 10 36.92 -17.76 27.27
C GLY B 10 38.07 -16.77 27.23
N LEU B 11 39.02 -16.99 28.13
CA LEU B 11 40.18 -16.11 28.25
C LEU B 11 41.12 -16.32 27.08
N VAL B 12 41.59 -15.21 26.50
CA VAL B 12 42.54 -15.24 25.39
C VAL B 12 43.36 -13.95 25.46
N GLN B 13 44.67 -14.07 25.26
CA GLN B 13 45.55 -12.94 25.42
C GLN B 13 45.31 -11.91 24.31
N PRO B 14 45.73 -10.66 24.52
CA PRO B 14 45.59 -9.67 23.44
C PRO B 14 46.38 -10.08 22.21
N GLY B 15 45.80 -9.82 21.04
CA GLY B 15 46.41 -10.18 19.78
C GLY B 15 46.24 -11.63 19.39
N GLY B 16 45.54 -12.43 20.19
CA GLY B 16 45.34 -13.84 19.89
C GLY B 16 44.18 -14.05 18.93
N SER B 17 43.80 -15.32 18.81
CA SER B 17 42.71 -15.75 17.94
C SER B 17 41.69 -16.54 18.77
N LEU B 18 40.42 -16.46 18.35
CA LEU B 18 39.35 -17.13 19.09
C LEU B 18 38.19 -17.42 18.15
N ARG B 19 37.66 -18.62 18.20
CA ARG B 19 36.54 -19.04 17.37
C ARG B 19 35.29 -19.13 18.24
N LEU B 20 34.25 -18.37 17.85
CA LEU B 20 32.93 -18.47 18.46
C LEU B 20 32.03 -19.24 17.50
N SER B 21 31.38 -20.28 18.01
CA SER B 21 30.47 -21.11 17.23
C SER B 21 29.11 -21.11 17.89
N CYS B 22 28.08 -20.78 17.13
CA CYS B 22 26.70 -20.81 17.60
C CYS B 22 25.96 -21.96 16.92
N ALA B 23 25.40 -22.85 17.72
CA ALA B 23 24.51 -23.90 17.23
C ALA B 23 23.08 -23.38 17.29
N ALA B 24 22.40 -23.40 16.14
CA ALA B 24 21.05 -22.89 16.00
C ALA B 24 20.08 -24.05 15.83
N SER B 25 19.00 -24.05 16.62
CA SER B 25 17.98 -25.08 16.55
C SER B 25 16.60 -24.43 16.59
N GLY B 26 15.64 -25.11 15.97
CA GLY B 26 14.26 -24.68 15.99
C GLY B 26 13.82 -23.82 14.83
N PHE B 27 14.68 -23.56 13.85
CA PHE B 27 14.27 -22.82 12.67
C PHE B 27 15.14 -23.20 11.49
N THR B 28 14.63 -22.95 10.29
CA THR B 28 15.35 -23.21 9.05
C THR B 28 16.48 -22.19 8.91
N PHE B 29 17.70 -22.65 9.06
CA PHE B 29 18.85 -21.75 9.13
C PHE B 29 19.05 -20.99 7.82
N SER B 30 18.83 -21.66 6.69
CA SER B 30 19.17 -21.08 5.40
C SER B 30 18.35 -19.85 5.06
N ASN B 31 17.20 -19.64 5.71
CA ASN B 31 16.27 -18.58 5.34
C ASN B 31 16.46 -17.29 6.13
N TYR B 32 17.43 -17.23 7.04
CA TYR B 32 17.58 -16.12 7.97
C TYR B 32 18.96 -15.49 7.85
N LYS B 33 18.98 -14.15 7.82
CA LYS B 33 20.23 -13.41 7.83
C LYS B 33 20.78 -13.37 9.25
N MET B 34 21.92 -14.02 9.47
CA MET B 34 22.42 -14.28 10.81
C MET B 34 23.38 -13.16 11.25
N ASN B 35 23.21 -12.69 12.47
CA ASN B 35 23.97 -11.58 13.00
C ASN B 35 24.77 -11.99 14.24
N TRP B 36 25.95 -11.38 14.37
CA TRP B 36 26.74 -11.40 15.59
C TRP B 36 26.72 -10.00 16.18
N VAL B 37 26.38 -9.91 17.48
CA VAL B 37 26.37 -8.64 18.20
C VAL B 37 27.12 -8.86 19.51
N ARG B 38 27.49 -7.76 20.16
CA ARG B 38 28.23 -7.82 21.41
C ARG B 38 27.75 -6.72 22.35
N GLN B 39 27.88 -6.99 23.65
CA GLN B 39 27.60 -6.03 24.70
C GLN B 39 28.82 -5.95 25.61
N ALA B 40 29.50 -4.80 25.61
CA ALA B 40 30.63 -4.63 26.49
C ALA B 40 30.15 -4.37 27.91
N PRO B 41 31.00 -4.54 28.93
CA PRO B 41 30.58 -4.24 30.30
C PRO B 41 30.18 -2.77 30.44
N GLY B 42 29.03 -2.55 31.08
CA GLY B 42 28.53 -1.20 31.27
C GLY B 42 28.22 -0.46 29.98
N LYS B 43 27.87 -1.19 28.92
CA LYS B 43 27.56 -0.60 27.63
C LYS B 43 26.37 -1.32 27.01
N GLY B 44 25.74 -0.66 26.05
CA GLY B 44 24.61 -1.24 25.34
C GLY B 44 25.03 -2.24 24.27
N LEU B 45 24.03 -2.88 23.69
CA LEU B 45 24.28 -3.85 22.63
C LEU B 45 24.90 -3.16 21.43
N GLU B 46 25.90 -3.80 20.84
CA GLU B 46 26.66 -3.26 19.71
C GLU B 46 26.71 -4.30 18.62
N TRP B 47 26.29 -3.92 17.41
CA TRP B 47 26.26 -4.84 16.28
C TRP B 47 27.68 -5.06 15.76
N VAL B 48 28.08 -6.32 15.64
CA VAL B 48 29.42 -6.68 15.20
C VAL B 48 29.45 -7.01 13.71
N SER B 49 28.57 -7.89 13.25
CA SER B 49 28.60 -8.29 11.85
C SER B 49 27.30 -9.01 11.51
N ASP B 50 27.07 -9.18 10.21
CA ASP B 50 25.95 -9.98 9.72
C ASP B 50 26.35 -10.69 8.43
N ILE B 51 25.66 -11.80 8.17
CA ILE B 51 25.89 -12.62 6.99
C ILE B 51 24.53 -13.02 6.44
N SER B 52 24.39 -12.95 5.11
CA SER B 52 23.10 -13.14 4.48
C SER B 52 22.70 -14.62 4.49
N GLN B 53 21.60 -14.91 3.80
CA GLN B 53 21.05 -16.28 3.80
C GLN B 53 22.04 -17.28 3.22
N SER B 54 22.55 -16.99 2.02
CA SER B 54 23.45 -17.91 1.33
C SER B 54 24.92 -17.66 1.65
N GLY B 55 25.24 -16.62 2.41
CA GLY B 55 26.62 -16.28 2.70
C GLY B 55 27.29 -15.36 1.70
N ALA B 56 26.58 -14.97 0.64
CA ALA B 56 27.18 -14.11 -0.37
C ALA B 56 27.46 -12.72 0.18
N SER B 57 26.46 -12.12 0.85
CA SER B 57 26.58 -10.77 1.39
C SER B 57 27.00 -10.86 2.85
N ILE B 58 28.15 -10.28 3.16
CA ILE B 58 28.72 -10.27 4.51
C ILE B 58 29.12 -8.84 4.83
N SER B 59 28.82 -8.40 6.05
CA SER B 59 29.20 -7.06 6.50
C SER B 59 29.66 -7.11 7.94
N TYR B 60 30.55 -6.18 8.29
CA TYR B 60 31.07 -6.05 9.65
C TYR B 60 30.99 -4.59 10.07
N THR B 61 30.96 -4.38 11.39
CA THR B 61 31.13 -3.03 11.92
C THR B 61 32.56 -2.56 11.62
N GLY B 62 32.71 -1.24 11.48
CA GLY B 62 33.99 -0.70 11.08
C GLY B 62 35.11 -0.97 12.05
N SER B 63 34.78 -1.13 13.34
CA SER B 63 35.79 -1.33 14.36
C SER B 63 36.44 -2.71 14.29
N VAL B 64 35.92 -3.63 13.49
CA VAL B 64 36.42 -5.01 13.42
C VAL B 64 36.69 -5.47 11.99
N LYS B 65 36.56 -4.60 10.99
CA LYS B 65 36.82 -5.00 9.62
C LYS B 65 38.29 -5.37 9.45
N GLY B 66 38.53 -6.48 8.75
CA GLY B 66 39.87 -7.00 8.58
C GLY B 66 40.40 -7.80 9.75
N ARG B 67 39.60 -7.95 10.82
CA ARG B 67 39.97 -8.71 12.01
C ARG B 67 39.02 -9.86 12.29
N PHE B 68 37.72 -9.65 12.07
CA PHE B 68 36.68 -10.64 12.33
C PHE B 68 36.21 -11.24 11.02
N THR B 69 35.90 -12.54 11.03
CA THR B 69 35.38 -13.23 9.85
C THR B 69 34.13 -13.99 10.26
N ILE B 70 32.99 -13.60 9.71
CA ILE B 70 31.71 -14.23 9.99
C ILE B 70 31.40 -15.19 8.85
N SER B 71 30.98 -16.41 9.21
CA SER B 71 30.62 -17.41 8.23
C SER B 71 29.47 -18.23 8.78
N ARG B 72 28.82 -19.00 7.90
CA ARG B 72 27.68 -19.82 8.28
C ARG B 72 27.74 -21.13 7.52
N ASP B 73 27.42 -22.22 8.21
CA ASP B 73 27.28 -23.54 7.60
C ASP B 73 25.82 -23.94 7.74
N ASN B 74 25.06 -23.82 6.64
CA ASN B 74 23.66 -24.19 6.65
C ASN B 74 23.49 -25.71 6.74
N ALA B 75 24.41 -26.46 6.14
CA ALA B 75 24.31 -27.92 6.19
C ALA B 75 24.44 -28.43 7.62
N LYS B 76 25.38 -27.88 8.38
CA LYS B 76 25.62 -28.32 9.75
C LYS B 76 24.71 -27.60 10.74
N ASN B 77 24.02 -26.54 10.33
CA ASN B 77 23.12 -25.59 10.99
C ASN B 77 23.82 -24.83 12.10
N THR B 78 24.82 -24.04 11.71
CA THR B 78 25.63 -23.33 12.68
C THR B 78 26.22 -22.05 12.08
N LEU B 79 26.65 -21.16 12.97
CA LEU B 79 27.28 -19.90 12.63
C LEU B 79 28.65 -19.82 13.31
N TYR B 80 29.59 -19.14 12.65
CA TYR B 80 30.95 -18.99 13.14
C TYR B 80 31.41 -17.55 13.06
N LEU B 81 32.17 -17.13 14.06
CA LEU B 81 32.89 -15.86 14.07
C LEU B 81 34.34 -16.17 14.45
N GLN B 82 35.24 -16.04 13.49
CA GLN B 82 36.68 -16.20 13.73
C GLN B 82 37.24 -14.82 14.04
N MET B 83 37.71 -14.65 15.28
CA MET B 83 38.10 -13.37 15.82
C MET B 83 39.63 -13.34 15.90
N ASN B 84 40.25 -12.56 15.02
CA ASN B 84 41.70 -12.48 14.92
C ASN B 84 42.17 -11.12 15.39
N SER B 85 43.34 -11.09 16.04
CA SER B 85 44.16 -10.04 16.65
C SER B 85 43.31 -9.21 17.63
N LEU B 86 42.87 -9.90 18.68
CA LEU B 86 41.94 -9.30 19.63
C LEU B 86 42.59 -8.12 20.35
N LYS B 87 41.83 -7.03 20.49
CA LYS B 87 42.26 -5.83 21.18
C LYS B 87 41.68 -5.82 22.60
N PRO B 88 42.19 -4.95 23.48
CA PRO B 88 41.56 -4.81 24.80
C PRO B 88 40.09 -4.42 24.75
N GLU B 89 39.70 -3.61 23.76
CA GLU B 89 38.33 -3.12 23.68
C GLU B 89 37.35 -4.16 23.14
N ASP B 90 37.82 -5.31 22.67
CA ASP B 90 36.95 -6.35 22.14
C ASP B 90 36.28 -7.18 23.22
N THR B 91 36.64 -7.00 24.49
CA THR B 91 36.00 -7.74 25.56
C THR B 91 34.51 -7.40 25.64
N ALA B 92 33.67 -8.43 25.69
CA ALA B 92 32.23 -8.24 25.71
C ALA B 92 31.56 -9.61 25.80
N VAL B 93 30.27 -9.60 26.09
CA VAL B 93 29.43 -10.79 25.94
C VAL B 93 28.92 -10.78 24.51
N TYR B 94 29.29 -11.80 23.75
CA TYR B 94 28.95 -11.89 22.33
C TYR B 94 27.71 -12.77 22.17
N TYR B 95 26.65 -12.18 21.64
CA TYR B 95 25.42 -12.87 21.29
C TYR B 95 25.36 -13.08 19.78
N CYS B 96 24.56 -14.06 19.37
CA CYS B 96 24.31 -14.35 17.96
C CYS B 96 22.83 -14.05 17.69
N ALA B 97 22.54 -12.82 17.27
CA ALA B 97 21.18 -12.44 16.96
C ALA B 97 20.74 -13.10 15.65
N ARG B 98 19.49 -12.85 15.27
CA ARG B 98 18.90 -13.45 14.09
C ARG B 98 17.96 -12.44 13.45
N CYS B 99 17.83 -12.51 12.13
CA CYS B 99 16.86 -11.67 11.45
C CYS B 99 15.46 -12.02 11.97
N PRO B 100 14.61 -11.04 12.31
CA PRO B 100 13.33 -11.39 12.94
C PRO B 100 12.42 -12.24 12.07
N ALA B 101 12.45 -12.06 10.75
CA ALA B 101 11.57 -12.75 9.82
C ALA B 101 12.32 -13.14 8.56
N PRO B 102 11.87 -14.20 7.84
CA PRO B 102 12.42 -14.46 6.51
C PRO B 102 11.44 -14.03 5.42
N PHE B 103 11.85 -13.84 4.16
CA PHE B 103 13.23 -13.94 3.66
C PHE B 103 13.80 -12.54 3.57
N THR B 104 13.41 -11.69 4.51
CA THR B 104 13.75 -10.28 4.44
C THR B 104 15.25 -10.08 4.63
N ARG B 105 15.76 -9.01 4.00
CA ARG B 105 17.16 -8.60 4.10
C ARG B 105 17.38 -7.45 5.06
N ASP B 106 16.39 -7.16 5.92
CA ASP B 106 16.48 -6.09 6.92
C ASP B 106 16.51 -6.72 8.30
N CYS B 107 17.55 -6.40 9.06
CA CYS B 107 17.76 -6.99 10.39
C CYS B 107 17.31 -5.97 11.45
N PHE B 108 15.99 -5.85 11.59
CA PHE B 108 15.45 -5.07 12.68
C PHE B 108 15.67 -5.79 14.01
N ASP B 109 15.80 -4.99 15.08
CA ASP B 109 15.80 -5.15 16.53
C ASP B 109 16.86 -6.14 17.02
N VAL B 110 17.89 -6.42 16.21
CA VAL B 110 18.88 -7.42 16.60
C VAL B 110 19.67 -6.94 17.83
N THR B 111 19.92 -5.64 17.92
CA THR B 111 20.63 -5.05 19.04
C THR B 111 19.70 -4.58 20.16
N SER B 112 18.43 -4.98 20.13
CA SER B 112 17.51 -4.59 21.18
C SER B 112 17.87 -5.27 22.50
N THR B 113 17.50 -4.62 23.60
CA THR B 113 17.88 -5.13 24.92
C THR B 113 17.25 -6.50 25.19
N THR B 114 16.00 -6.69 24.79
CA THR B 114 15.24 -7.91 25.05
C THR B 114 14.80 -8.58 23.76
N TYR B 115 15.69 -8.65 22.78
CA TYR B 115 15.36 -9.33 21.54
C TYR B 115 15.18 -10.82 21.77
N ALA B 116 14.10 -11.37 21.20
CA ALA B 116 13.75 -12.76 21.45
C ALA B 116 14.66 -13.73 20.69
N TYR B 117 14.94 -13.44 19.42
CA TYR B 117 15.70 -14.36 18.57
C TYR B 117 17.18 -14.07 18.71
N ARG B 118 17.71 -14.35 19.89
CA ARG B 118 19.10 -14.10 20.20
C ARG B 118 19.57 -15.10 21.24
N GLY B 119 20.77 -15.64 21.01
CA GLY B 119 21.37 -16.50 22.00
C GLY B 119 21.73 -15.75 23.26
N GLN B 120 21.90 -16.50 24.34
CA GLN B 120 22.15 -15.87 25.63
C GLN B 120 23.58 -15.36 25.73
N GLY B 121 24.47 -15.82 24.86
CA GLY B 121 25.75 -15.19 24.65
C GLY B 121 26.88 -15.89 25.37
N THR B 122 28.11 -15.57 24.96
CA THR B 122 29.33 -16.10 25.56
C THR B 122 30.25 -14.94 25.92
N GLN B 123 30.79 -14.96 27.14
CA GLN B 123 31.71 -13.92 27.57
C GLN B 123 33.05 -14.12 26.88
N VAL B 124 33.64 -13.02 26.42
CA VAL B 124 34.98 -12.99 25.84
C VAL B 124 35.74 -11.88 26.55
N THR B 125 36.88 -12.23 27.16
CA THR B 125 37.71 -11.30 27.89
C THR B 125 39.17 -11.50 27.51
N VAL B 126 39.94 -10.42 27.61
CA VAL B 126 41.36 -10.44 27.28
C VAL B 126 42.15 -9.67 28.33
N ASN C 22 -38.55 0.64 6.08
CA ASN C 22 -38.88 1.53 7.19
C ASN C 22 -37.63 2.27 7.66
N GLU C 23 -36.74 1.56 8.35
CA GLU C 23 -35.50 2.14 8.85
C GLU C 23 -34.41 2.23 7.79
N GLU C 24 -34.63 1.67 6.60
CA GLU C 24 -33.63 1.74 5.55
C GLU C 24 -33.39 3.18 5.09
N LYS C 25 -34.46 3.98 5.00
CA LYS C 25 -34.31 5.37 4.57
C LYS C 25 -33.45 6.17 5.56
N ALA C 26 -33.72 6.02 6.86
CA ALA C 26 -32.94 6.71 7.86
C ALA C 26 -31.48 6.26 7.83
N GLN C 27 -31.26 4.97 7.59
CA GLN C 27 -29.90 4.46 7.44
C GLN C 27 -29.23 5.11 6.23
N ARG C 28 -29.97 5.31 5.14
CA ARG C 28 -29.40 5.95 3.97
C ARG C 28 -29.03 7.40 4.26
N GLU C 29 -29.89 8.13 4.99
CA GLU C 29 -29.55 9.51 5.32
C GLU C 29 -28.33 9.57 6.24
N ALA C 30 -28.25 8.66 7.22
CA ALA C 30 -27.08 8.62 8.09
C ALA C 30 -25.82 8.31 7.30
N ASN C 31 -25.91 7.37 6.36
CA ASN C 31 -24.78 7.06 5.50
C ASN C 31 -24.39 8.26 4.64
N LYS C 32 -25.37 9.01 4.14
CA LYS C 32 -25.07 10.18 3.34
C LYS C 32 -24.31 11.22 4.15
N LYS C 33 -24.77 11.48 5.38
CA LYS C 33 -24.07 12.42 6.24
C LYS C 33 -22.65 11.93 6.55
N ILE C 34 -22.51 10.63 6.82
CA ILE C 34 -21.20 10.09 7.16
C ILE C 34 -20.26 10.18 5.96
N GLU C 35 -20.78 9.96 4.75
CA GLU C 35 -19.94 10.09 3.56
C GLU C 35 -19.57 11.54 3.28
N LYS C 36 -20.46 12.49 3.58
CA LYS C 36 -20.08 13.89 3.46
C LYS C 36 -18.94 14.23 4.42
N GLN C 37 -19.06 13.76 5.66
CA GLN C 37 -17.98 13.99 6.64
C GLN C 37 -16.69 13.31 6.20
N LEU C 38 -16.81 12.10 5.63
CA LEU C 38 -15.62 11.40 5.13
C LEU C 38 -15.02 12.11 3.93
N GLN C 39 -15.82 12.77 3.10
CA GLN C 39 -15.26 13.53 2.00
C GLN C 39 -14.49 14.73 2.51
N LYS C 40 -15.04 15.44 3.50
CA LYS C 40 -14.30 16.54 4.11
C LYS C 40 -12.99 16.05 4.73
N ASP C 41 -13.07 14.93 5.45
CA ASP C 41 -11.88 14.36 6.06
C ASP C 41 -10.88 13.90 5.00
N LYS C 42 -11.38 13.45 3.85
CA LYS C 42 -10.49 13.04 2.77
C LYS C 42 -9.74 14.24 2.21
N GLN C 43 -10.43 15.37 2.02
CA GLN C 43 -9.74 16.57 1.56
C GLN C 43 -8.69 17.01 2.57
N VAL C 44 -9.03 16.98 3.86
CA VAL C 44 -8.07 17.38 4.89
C VAL C 44 -6.89 16.42 4.91
N TYR C 45 -7.17 15.11 4.83
CA TYR C 45 -6.13 14.10 4.91
C TYR C 45 -5.17 14.18 3.72
N ARG C 46 -5.70 14.39 2.52
CA ARG C 46 -4.83 14.50 1.36
C ARG C 46 -4.09 15.83 1.34
N ALA C 47 -4.68 16.88 1.91
CA ALA C 47 -3.99 18.17 1.94
C ALA C 47 -2.72 18.10 2.79
N THR C 48 -2.79 17.49 3.96
CA THR C 48 -1.65 17.40 4.86
C THR C 48 -0.78 16.20 4.48
N HIS C 49 0.53 16.36 4.70
CA HIS C 49 1.52 15.33 4.40
C HIS C 49 2.11 14.81 5.71
N ARG C 50 2.10 13.48 5.87
CA ARG C 50 2.53 12.85 7.11
C ARG C 50 4.01 12.48 7.02
N LEU C 51 4.73 12.68 8.12
CA LEU C 51 6.16 12.44 8.22
C LEU C 51 6.45 11.61 9.46
N LEU C 52 7.37 10.65 9.32
CA LEU C 52 7.81 9.81 10.44
C LEU C 52 9.18 10.27 10.90
N LEU C 53 9.26 10.90 12.07
CA LEU C 53 10.54 11.33 12.63
C LEU C 53 11.14 10.19 13.44
N LEU C 54 12.31 9.71 13.01
CA LEU C 54 13.06 8.67 13.67
C LEU C 54 14.44 9.20 14.00
N GLY C 55 15.04 8.62 15.05
CA GLY C 55 16.35 8.81 15.64
C GLY C 55 16.49 7.98 16.89
N ALA C 56 17.63 8.15 17.55
CA ALA C 56 17.94 7.50 18.81
C ALA C 56 17.90 8.52 19.95
N ASP C 57 18.25 8.06 21.15
CA ASP C 57 18.19 8.94 22.31
C ASP C 57 19.20 10.08 22.18
N ASN C 58 20.42 9.78 21.73
CA ASN C 58 21.42 10.83 21.56
C ASN C 58 21.10 11.72 20.37
N SER C 59 20.42 11.18 19.35
CA SER C 59 20.11 11.94 18.16
C SER C 59 19.22 13.13 18.50
N GLY C 60 19.50 14.27 17.84
CA GLY C 60 18.84 15.51 18.19
C GLY C 60 17.52 15.74 17.48
N LYS C 61 16.70 14.70 17.36
CA LYS C 61 15.38 14.86 16.75
C LYS C 61 14.45 15.67 17.63
N SER C 62 14.69 15.69 18.95
CA SER C 62 13.86 16.49 19.85
C SER C 62 13.98 17.97 19.53
N THR C 63 15.22 18.44 19.32
CA THR C 63 15.42 19.85 18.97
C THR C 63 14.80 20.15 17.61
N ILE C 64 14.89 19.20 16.67
CA ILE C 64 14.33 19.42 15.34
C ILE C 64 12.82 19.58 15.43
N VAL C 65 12.14 18.66 16.12
CA VAL C 65 10.69 18.75 16.22
C VAL C 65 10.28 19.98 17.01
N LYS C 66 11.06 20.36 18.02
CA LYS C 66 10.77 21.57 18.79
C LYS C 66 11.04 22.84 17.99
N GLN C 67 11.80 22.75 16.89
CA GLN C 67 12.16 23.96 16.14
C GLN C 67 10.94 24.64 15.54
N MET C 68 10.06 23.87 14.88
CA MET C 68 8.91 24.44 14.19
C MET C 68 7.61 24.28 14.99
N ARG C 69 7.69 23.91 16.26
CA ARG C 69 6.49 23.83 17.08
C ARG C 69 5.96 25.23 17.38
N GLY C 83 3.68 8.89 24.76
CA GLY C 83 3.02 8.62 23.50
C GLY C 83 3.70 9.30 22.33
N ILE C 84 2.95 9.46 21.23
CA ILE C 84 3.52 10.09 20.05
C ILE C 84 3.58 11.59 20.26
N PHE C 85 4.74 12.18 20.00
CA PHE C 85 4.88 13.63 19.98
C PHE C 85 4.57 14.10 18.56
N GLU C 86 3.42 14.73 18.39
CA GLU C 86 2.97 15.22 17.10
C GLU C 86 3.33 16.69 16.96
N THR C 87 3.64 17.11 15.72
CA THR C 87 3.79 18.53 15.43
C THR C 87 3.19 18.82 14.07
N LYS C 88 2.32 19.82 14.02
CA LYS C 88 1.81 20.39 12.78
C LYS C 88 2.65 21.63 12.48
N PHE C 89 3.16 21.72 11.26
CA PHE C 89 3.78 22.96 10.79
C PHE C 89 3.36 23.24 9.37
N GLN C 90 2.98 24.49 9.13
CA GLN C 90 2.53 24.97 7.83
C GLN C 90 3.67 25.74 7.19
N VAL C 91 4.12 25.28 6.03
CA VAL C 91 5.13 25.97 5.24
C VAL C 91 4.67 26.00 3.80
N ASP C 92 4.68 27.19 3.19
CA ASP C 92 4.25 27.66 1.88
C ASP C 92 2.81 27.23 1.61
N LYS C 93 1.97 27.33 2.65
CA LYS C 93 0.57 26.99 2.95
C LYS C 93 0.33 25.48 2.86
N VAL C 94 1.39 24.67 2.90
CA VAL C 94 1.28 23.21 2.90
C VAL C 94 1.46 22.73 4.33
N ASN C 95 0.54 21.87 4.77
CA ASN C 95 0.54 21.37 6.14
C ASN C 95 1.33 20.07 6.23
N PHE C 96 2.26 20.01 7.18
CA PHE C 96 3.06 18.83 7.44
C PHE C 96 2.83 18.37 8.87
N HIS C 97 2.47 17.10 9.03
CA HIS C 97 2.19 16.48 10.31
C HIS C 97 3.30 15.46 10.59
N MET C 98 4.22 15.81 11.48
CA MET C 98 5.38 14.97 11.78
C MET C 98 5.19 14.30 13.12
N PHE C 99 5.38 12.98 13.14
CA PHE C 99 5.14 12.15 14.31
C PHE C 99 6.45 11.58 14.82
N ASP C 100 6.77 11.84 16.09
CA ASP C 100 7.94 11.27 16.76
C ASP C 100 7.43 10.23 17.76
N VAL C 101 7.68 8.96 17.45
CA VAL C 101 7.14 7.84 18.24
C VAL C 101 8.20 7.49 19.28
N GLY C 102 8.14 8.18 20.43
CA GLY C 102 9.08 7.96 21.51
C GLY C 102 8.53 7.14 22.66
N GLY C 103 7.24 6.82 22.62
CA GLY C 103 6.60 6.10 23.70
C GLY C 103 6.68 4.59 23.64
N GLN C 104 7.37 4.03 22.65
CA GLN C 104 7.44 2.59 22.45
C GLN C 104 8.78 2.05 22.97
N ARG C 105 8.99 0.76 22.81
CA ARG C 105 10.21 0.09 23.24
C ARG C 105 11.27 0.19 22.15
N ASP C 106 12.47 -0.32 22.44
CA ASP C 106 13.55 -0.33 21.46
C ASP C 106 13.22 -1.20 20.25
N GLU C 107 12.29 -2.15 20.38
CA GLU C 107 11.89 -2.99 19.26
C GLU C 107 10.87 -2.26 18.41
N ARG C 108 11.12 -2.20 17.09
CA ARG C 108 10.26 -1.46 16.17
C ARG C 108 10.04 -2.19 14.86
N ARG C 109 10.18 -3.51 14.83
CA ARG C 109 9.95 -4.23 13.59
C ARG C 109 8.47 -4.31 13.20
N LYS C 110 7.56 -3.97 14.11
CA LYS C 110 6.12 -4.08 13.87
C LYS C 110 5.43 -2.73 13.77
N TRP C 111 5.60 -1.84 14.76
CA TRP C 111 4.87 -0.58 14.70
C TRP C 111 5.41 0.35 13.63
N ILE C 112 6.63 0.13 13.14
CA ILE C 112 7.14 0.94 12.03
C ILE C 112 6.27 0.77 10.80
N GLN C 113 5.62 -0.38 10.65
CA GLN C 113 4.70 -0.61 9.55
C GLN C 113 3.52 0.36 9.57
N CYS C 114 3.26 1.02 10.71
CA CYS C 114 2.24 2.05 10.76
C CYS C 114 2.54 3.22 9.84
N PHE C 115 3.79 3.39 9.41
CA PHE C 115 4.22 4.61 8.74
C PHE C 115 4.65 4.36 7.29
N ASN C 116 3.83 3.61 6.54
CA ASN C 116 3.99 3.49 5.10
C ASN C 116 3.20 4.55 4.33
N ASP C 117 2.22 5.18 4.95
CA ASP C 117 1.46 6.26 4.32
C ASP C 117 2.15 7.62 4.47
N VAL C 118 3.19 7.71 5.30
CA VAL C 118 3.92 8.96 5.44
C VAL C 118 4.60 9.29 4.13
N THR C 119 4.59 10.57 3.78
CA THR C 119 5.29 10.99 2.56
C THR C 119 6.79 10.77 2.68
N ALA C 120 7.33 10.81 3.90
CA ALA C 120 8.76 10.63 4.09
C ALA C 120 9.05 10.23 5.53
N ILE C 121 10.19 9.58 5.70
CA ILE C 121 10.74 9.27 7.01
C ILE C 121 11.88 10.25 7.25
N ILE C 122 11.63 11.24 8.10
CA ILE C 122 12.72 12.06 8.60
C ILE C 122 13.61 11.17 9.46
N PHE C 123 14.89 11.13 9.15
CA PHE C 123 15.85 10.26 9.83
C PHE C 123 16.98 11.12 10.39
N VAL C 124 16.97 11.27 11.70
CA VAL C 124 17.89 12.15 12.41
C VAL C 124 19.08 11.32 12.88
N VAL C 125 20.29 11.80 12.59
CA VAL C 125 21.52 11.08 12.92
C VAL C 125 22.52 12.05 13.54
N ASP C 126 23.14 11.62 14.64
CA ASP C 126 24.30 12.32 15.20
C ASP C 126 25.51 11.99 14.35
N SER C 127 25.82 12.86 13.40
CA SER C 127 27.04 12.70 12.62
C SER C 127 28.28 12.90 13.46
N SER C 128 28.17 13.53 14.63
CA SER C 128 29.31 13.77 15.51
C SER C 128 29.59 12.64 16.48
N ASP C 129 28.72 11.63 16.57
CA ASP C 129 28.85 10.52 17.50
C ASP C 129 29.21 9.27 16.71
N TYR C 130 30.50 8.95 16.68
CA TYR C 130 30.97 7.83 15.86
C TYR C 130 30.69 6.49 16.52
N ASN C 131 30.59 6.45 17.86
CA ASN C 131 30.29 5.19 18.54
C ASN C 131 28.96 4.63 18.09
N ARG C 132 27.93 5.47 18.00
CA ARG C 132 26.57 5.07 17.66
C ARG C 132 26.21 5.38 16.22
N LEU C 133 27.20 5.72 15.37
CA LEU C 133 26.90 5.98 13.97
C LEU C 133 26.60 4.70 13.22
N GLN C 134 27.27 3.60 13.58
CA GLN C 134 26.98 2.32 12.94
C GLN C 134 25.56 1.86 13.28
N GLU C 135 25.09 2.16 14.48
CA GLU C 135 23.70 1.87 14.82
C GLU C 135 22.74 2.65 13.91
N ALA C 136 23.06 3.92 13.66
CA ALA C 136 22.24 4.72 12.75
C ALA C 136 22.27 4.15 11.34
N LEU C 137 23.44 3.72 10.89
CA LEU C 137 23.54 3.13 9.55
C LEU C 137 22.74 1.84 9.45
N ASN C 138 22.79 1.00 10.48
CA ASN C 138 22.02 -0.24 10.49
C ASN C 138 20.52 0.05 10.48
N LEU C 139 20.09 1.03 11.29
CA LEU C 139 18.68 1.37 11.32
C LEU C 139 18.23 1.94 9.98
N PHE C 140 19.06 2.78 9.36
CA PHE C 140 18.72 3.31 8.04
C PHE C 140 18.64 2.20 7.00
N LYS C 141 19.56 1.24 7.06
CA LYS C 141 19.51 0.12 6.13
C LYS C 141 18.23 -0.70 6.32
N SER C 142 17.86 -0.95 7.58
CA SER C 142 16.66 -1.72 7.86
C SER C 142 15.41 -0.99 7.35
N ILE C 143 15.35 0.33 7.58
CA ILE C 143 14.22 1.11 7.10
C ILE C 143 14.20 1.12 5.58
N TRP C 144 15.37 1.24 4.95
CA TRP C 144 15.44 1.28 3.49
C TRP C 144 14.94 -0.03 2.89
N ASN C 145 15.34 -1.16 3.47
CA ASN C 145 15.04 -2.47 2.92
C ASN C 145 13.80 -3.13 3.51
N ASN C 146 13.10 -2.47 4.43
CA ASN C 146 11.86 -3.03 4.96
C ASN C 146 10.83 -3.12 3.85
N ARG C 147 10.19 -4.28 3.71
CA ARG C 147 9.30 -4.53 2.59
C ARG C 147 8.15 -3.55 2.56
N TRP C 148 7.71 -3.07 3.73
CA TRP C 148 6.63 -2.11 3.84
C TRP C 148 7.11 -0.67 3.86
N LEU C 149 8.43 -0.45 3.80
CA LEU C 149 9.01 0.88 3.66
C LEU C 149 9.88 0.99 2.41
N ARG C 150 9.65 0.13 1.42
CA ARG C 150 10.41 0.18 0.17
C ARG C 150 10.04 1.39 -0.69
N THR C 151 8.84 1.95 -0.50
CA THR C 151 8.36 3.06 -1.31
C THR C 151 8.48 4.40 -0.60
N ILE C 152 9.16 4.45 0.54
CA ILE C 152 9.16 5.63 1.41
C ILE C 152 10.54 6.27 1.34
N SER C 153 10.59 7.50 0.86
CA SER C 153 11.83 8.26 0.84
C SER C 153 12.22 8.66 2.25
N VAL C 154 13.53 8.73 2.47
CA VAL C 154 14.11 9.04 3.78
C VAL C 154 14.80 10.39 3.66
N ILE C 155 14.35 11.36 4.45
CA ILE C 155 14.96 12.69 4.51
C ILE C 155 15.95 12.63 5.66
N LEU C 156 17.24 12.50 5.34
CA LEU C 156 18.27 12.25 6.33
C LEU C 156 18.82 13.58 6.82
N PHE C 157 18.56 13.89 8.09
CA PHE C 157 19.11 15.08 8.76
C PHE C 157 20.29 14.64 9.61
N LEU C 158 21.48 15.06 9.19
CA LEU C 158 22.71 14.78 9.92
C LEU C 158 22.96 15.93 10.90
N ASN C 159 22.29 15.88 12.04
CA ASN C 159 22.52 16.92 13.03
C ASN C 159 23.94 16.82 13.60
N LYS C 160 24.26 17.80 14.43
CA LYS C 160 25.44 18.09 15.24
C LYS C 160 26.65 18.32 14.34
N GLN C 161 26.43 19.04 13.25
CA GLN C 161 27.52 19.41 12.36
C GLN C 161 28.52 20.32 13.06
N ASP C 162 28.06 21.10 14.03
CA ASP C 162 28.99 21.90 14.84
C ASP C 162 29.76 21.01 15.82
N LEU C 163 29.08 20.08 16.49
CA LEU C 163 29.79 19.11 17.32
C LEU C 163 30.73 18.25 16.47
N LEU C 164 30.27 17.83 15.30
CA LEU C 164 31.13 17.08 14.39
C LEU C 164 32.34 17.91 13.98
N ALA C 165 32.12 19.20 13.71
CA ALA C 165 33.21 20.06 13.29
C ALA C 165 34.27 20.19 14.40
N GLU C 166 33.84 20.49 15.62
CA GLU C 166 34.81 20.65 16.71
C GLU C 166 35.48 19.32 17.02
N LYS C 167 34.76 18.21 16.88
CA LYS C 167 35.37 16.90 17.08
C LYS C 167 36.44 16.62 16.05
N VAL C 168 36.16 16.95 14.78
CA VAL C 168 37.14 16.71 13.72
C VAL C 168 38.36 17.59 13.91
N LEU C 169 38.14 18.88 14.22
CA LEU C 169 39.27 19.77 14.48
C LEU C 169 40.04 19.34 15.72
N ALA C 170 39.33 18.92 16.77
CA ALA C 170 39.97 18.48 17.99
C ALA C 170 40.70 17.15 17.75
N SER C 173 39.34 11.83 18.69
CA SER C 173 38.36 10.89 18.11
C SER C 173 38.49 10.91 16.61
N LYS C 174 38.91 9.81 15.99
CA LYS C 174 39.16 9.75 14.53
C LYS C 174 38.09 8.89 13.88
N ILE C 175 37.46 9.36 12.81
CA ILE C 175 36.35 8.63 12.15
C ILE C 175 36.96 7.32 11.71
N GLU C 176 38.25 7.26 11.35
CA GLU C 176 38.95 6.07 10.80
C GLU C 176 38.93 4.88 11.74
N ASP C 177 39.02 5.10 13.04
CA ASP C 177 39.08 4.02 14.05
C ASP C 177 37.74 3.29 13.99
N TYR C 178 36.64 3.97 13.75
CA TYR C 178 35.29 3.38 13.62
C TYR C 178 34.91 3.24 12.16
N PHE C 179 35.66 3.72 11.18
CA PHE C 179 35.34 3.50 9.77
C PHE C 179 36.64 3.45 8.99
N PRO C 180 37.23 2.25 8.81
CA PRO C 180 38.51 2.18 8.08
C PRO C 180 38.43 2.69 6.65
N GLU C 181 37.25 2.64 6.03
CA GLU C 181 37.13 3.14 4.65
C GLU C 181 37.47 4.62 4.57
N PHE C 182 37.21 5.37 5.64
CA PHE C 182 37.55 6.80 5.65
C PHE C 182 39.05 7.01 5.50
N ALA C 183 39.87 6.02 5.86
CA ALA C 183 41.30 6.14 5.65
C ALA C 183 41.66 6.26 4.18
N ARG C 184 40.84 5.70 3.28
CA ARG C 184 41.08 5.73 1.84
C ARG C 184 39.96 6.48 1.13
N TYR C 185 39.43 7.53 1.76
CA TYR C 185 38.30 8.29 1.25
C TYR C 185 38.74 9.70 0.89
N THR C 186 38.23 10.21 -0.24
CA THR C 186 38.45 11.57 -0.68
C THR C 186 37.11 12.27 -0.85
N THR C 187 37.12 13.58 -0.68
CA THR C 187 35.88 14.35 -0.74
C THR C 187 35.28 14.27 -2.14
N PRO C 188 33.94 14.26 -2.28
CA PRO C 188 33.41 14.22 -3.65
C PRO C 188 33.71 15.50 -4.43
N PRO C 195 33.15 23.51 7.62
CA PRO C 195 33.64 23.39 6.25
C PRO C 195 34.53 24.55 5.83
N GLY C 196 34.05 25.78 6.01
CA GLY C 196 34.87 26.94 5.68
C GLY C 196 36.10 27.05 6.56
N GLU C 197 35.97 26.67 7.83
CA GLU C 197 37.10 26.74 8.75
C GLU C 197 38.21 25.79 8.33
N ASP C 198 37.86 24.58 7.91
CA ASP C 198 38.83 23.55 7.59
C ASP C 198 38.18 22.57 6.63
N PRO C 199 38.94 21.92 5.72
CA PRO C 199 38.33 20.94 4.83
C PRO C 199 38.21 19.54 5.40
N ARG C 200 38.88 19.24 6.52
CA ARG C 200 38.72 17.93 7.15
C ARG C 200 37.29 17.73 7.65
N VAL C 201 36.66 18.80 8.13
CA VAL C 201 35.26 18.71 8.51
C VAL C 201 34.40 18.38 7.30
N THR C 202 34.69 18.99 6.15
CA THR C 202 33.99 18.66 4.93
C THR C 202 34.17 17.20 4.57
N ARG C 203 35.41 16.70 4.68
CA ARG C 203 35.68 15.30 4.35
C ARG C 203 34.89 14.37 5.25
N ALA C 204 34.87 14.65 6.56
CA ALA C 204 34.16 13.78 7.49
C ALA C 204 32.66 13.80 7.25
N LYS C 205 32.07 14.99 7.14
CA LYS C 205 30.62 15.06 6.96
C LYS C 205 30.20 14.45 5.64
N TYR C 206 30.96 14.68 4.57
CA TYR C 206 30.60 14.09 3.29
C TYR C 206 30.89 12.59 3.27
N PHE C 207 31.83 12.11 4.08
CA PHE C 207 32.00 10.67 4.22
C PHE C 207 30.78 10.04 4.86
N ILE C 208 30.25 10.67 5.91
CA ILE C 208 29.06 10.13 6.55
C ILE C 208 27.88 10.16 5.58
N ARG C 209 27.74 11.28 4.85
CA ARG C 209 26.71 11.37 3.82
C ARG C 209 26.87 10.28 2.77
N ASP C 210 28.12 10.01 2.38
CA ASP C 210 28.36 9.00 1.34
C ASP C 210 28.07 7.61 1.86
N GLU C 211 28.33 7.35 3.13
CA GLU C 211 27.96 6.06 3.71
C GLU C 211 26.45 5.86 3.68
N PHE C 212 25.71 6.88 4.11
CA PHE C 212 24.25 6.75 4.11
C PHE C 212 23.71 6.64 2.68
N LEU C 213 24.29 7.39 1.74
CA LEU C 213 23.83 7.31 0.36
C LEU C 213 24.25 5.99 -0.29
N ARG C 214 25.37 5.41 0.15
CA ARG C 214 25.74 4.07 -0.31
C ARG C 214 24.71 3.04 0.12
N ILE C 215 24.27 3.13 1.38
CA ILE C 215 23.20 2.24 1.83
C ILE C 215 21.92 2.51 1.04
N SER C 216 21.66 3.78 0.72
CA SER C 216 20.45 4.14 -0.01
C SER C 216 20.45 3.57 -1.42
N THR C 217 21.54 3.72 -2.16
CA THR C 217 21.58 3.38 -3.57
C THR C 217 22.03 1.95 -3.85
N ALA C 218 22.63 1.28 -2.87
CA ALA C 218 23.09 -0.09 -3.10
C ALA C 218 21.92 -1.05 -3.33
N SER C 219 20.73 -0.69 -2.87
CA SER C 219 19.55 -1.53 -3.04
C SER C 219 18.32 -0.68 -3.33
N ARG C 223 12.31 3.66 -6.71
CA ARG C 223 10.97 3.99 -6.26
C ARG C 223 10.96 4.79 -4.95
N HIS C 224 12.15 5.06 -4.40
CA HIS C 224 12.28 5.94 -3.26
C HIS C 224 13.73 6.39 -3.16
N TYR C 225 13.92 7.65 -2.76
CA TYR C 225 15.23 8.30 -2.78
C TYR C 225 15.57 8.82 -1.39
N CYS C 226 16.83 9.14 -1.20
CA CYS C 226 17.34 9.72 0.04
C CYS C 226 17.76 11.16 -0.21
N TYR C 227 17.49 12.03 0.78
CA TYR C 227 17.71 13.47 0.67
C TYR C 227 18.54 13.92 1.85
N PRO C 228 19.84 13.64 1.85
CA PRO C 228 20.68 14.05 2.99
C PRO C 228 20.82 15.55 3.09
N HIS C 229 20.96 16.03 4.33
CA HIS C 229 21.14 17.45 4.61
C HIS C 229 22.10 17.63 5.76
N PHE C 230 22.94 18.66 5.66
CA PHE C 230 23.89 19.02 6.72
C PHE C 230 23.28 20.18 7.50
N THR C 231 22.65 19.86 8.62
CA THR C 231 21.97 20.82 9.48
C THR C 231 22.63 20.86 10.86
N CYS C 232 22.71 22.06 11.43
CA CYS C 232 23.23 22.23 12.77
C CYS C 232 22.09 22.07 13.78
N ALA C 233 22.43 22.16 15.06
CA ALA C 233 21.41 22.09 16.10
C ALA C 233 20.46 23.28 16.03
N VAL C 234 21.00 24.47 15.76
CA VAL C 234 20.21 25.70 15.69
C VAL C 234 20.13 26.15 14.24
N ASP C 235 19.10 25.67 13.53
CA ASP C 235 18.82 26.06 12.15
C ASP C 235 17.33 26.24 11.99
N THR C 236 16.96 27.32 11.28
CA THR C 236 15.57 27.61 10.96
C THR C 236 15.14 27.10 9.59
N GLU C 237 16.06 26.54 8.81
CA GLU C 237 15.78 26.13 7.44
C GLU C 237 15.33 24.66 7.35
N ASN C 238 15.28 23.94 8.47
CA ASN C 238 14.93 22.51 8.44
C ASN C 238 13.52 22.31 7.92
N ALA C 239 12.59 23.18 8.29
CA ALA C 239 11.23 23.10 7.76
C ALA C 239 11.23 23.31 6.25
N ARG C 240 12.02 24.27 5.76
CA ARG C 240 12.13 24.48 4.33
C ARG C 240 12.77 23.29 3.64
N ARG C 241 13.77 22.67 4.29
CA ARG C 241 14.38 21.47 3.72
C ARG C 241 13.36 20.35 3.58
N ILE C 242 12.55 20.14 4.63
CA ILE C 242 11.52 19.10 4.57
C ILE C 242 10.50 19.44 3.48
N PHE C 243 10.16 20.73 3.35
CA PHE C 243 9.22 21.14 2.31
C PHE C 243 9.76 20.82 0.93
N ASN C 244 11.01 21.17 0.66
CA ASN C 244 11.60 20.91 -0.65
C ASN C 244 11.71 19.42 -0.93
N ASP C 245 12.12 18.64 0.08
CA ASP C 245 12.25 17.20 -0.12
C ASP C 245 10.90 16.56 -0.38
N CYS C 246 9.87 16.96 0.36
CA CYS C 246 8.53 16.41 0.13
C CYS C 246 7.97 16.87 -1.21
N ARG C 247 8.30 18.09 -1.63
CA ARG C 247 7.93 18.56 -2.96
C ARG C 247 8.54 17.65 -4.02
N ASP C 248 9.82 17.34 -3.88
CA ASP C 248 10.48 16.45 -4.85
C ASP C 248 9.89 15.04 -4.79
N ILE C 249 9.60 14.54 -3.59
CA ILE C 249 9.07 13.19 -3.45
C ILE C 249 7.70 13.09 -4.11
N ILE C 250 6.82 14.06 -3.85
CA ILE C 250 5.49 14.03 -4.42
C ILE C 250 5.53 14.30 -5.92
N GLN C 251 6.49 15.11 -6.37
CA GLN C 251 6.66 15.31 -7.80
C GLN C 251 7.05 14.02 -8.49
N ARG C 252 7.97 13.26 -7.89
CA ARG C 252 8.37 11.98 -8.47
C ARG C 252 7.21 10.99 -8.43
N MET C 253 6.43 11.01 -7.34
CA MET C 253 5.27 10.14 -7.24
C MET C 253 4.26 10.45 -8.34
N HIS C 254 3.99 11.73 -8.59
CA HIS C 254 3.05 12.10 -9.64
C HIS C 254 3.62 11.77 -11.01
N LEU C 255 4.92 11.98 -11.22
CA LEU C 255 5.53 11.66 -12.50
C LEU C 255 5.41 10.18 -12.79
N ARG C 256 5.60 9.33 -11.77
CA ARG C 256 5.31 7.92 -11.95
C ARG C 256 3.83 7.70 -12.23
N GLN C 257 2.96 8.45 -11.54
CA GLN C 257 1.53 8.28 -11.73
C GLN C 257 1.10 8.66 -13.14
N TYR C 258 1.53 9.83 -13.62
CA TYR C 258 1.19 10.28 -14.96
C TYR C 258 2.11 9.69 -16.04
N GLU C 259 2.92 8.68 -15.70
CA GLU C 259 3.66 7.87 -16.66
C GLU C 259 4.78 8.61 -17.35
N LEU C 260 5.27 9.72 -16.78
CA LEU C 260 6.51 10.31 -17.27
C LEU C 260 7.73 9.51 -16.82
N LEU C 261 7.62 8.74 -15.74
CA LEU C 261 8.64 7.76 -15.35
C LEU C 261 7.99 6.38 -15.20
N GLU D 33 23.16 -18.16 42.07
CA GLU D 33 23.97 -18.37 40.88
C GLU D 33 23.07 -18.48 39.66
N LEU D 34 23.45 -17.79 38.57
CA LEU D 34 22.65 -17.81 37.35
C LEU D 34 22.86 -19.09 36.55
N ASP D 35 24.06 -19.67 36.61
CA ASP D 35 24.35 -20.85 35.81
C ASP D 35 23.51 -22.05 36.24
N GLN D 36 23.33 -22.24 37.54
CA GLN D 36 22.51 -23.37 37.99
C GLN D 36 21.05 -23.18 37.61
N LEU D 37 20.55 -21.94 37.66
CA LEU D 37 19.19 -21.67 37.20
C LEU D 37 19.07 -21.92 35.70
N ARG D 38 20.12 -21.59 34.95
CA ARG D 38 20.14 -21.89 33.52
C ARG D 38 20.05 -23.39 33.28
N GLN D 39 20.83 -24.18 34.04
CA GLN D 39 20.81 -25.62 33.90
C GLN D 39 19.44 -26.19 34.25
N GLU D 40 18.83 -25.68 35.32
CA GLU D 40 17.50 -26.15 35.69
C GLU D 40 16.46 -25.78 34.63
N ALA D 41 16.57 -24.58 34.06
CA ALA D 41 15.62 -24.15 33.04
C ALA D 41 15.73 -25.00 31.78
N GLU D 42 16.95 -25.26 31.31
CA GLU D 42 17.09 -26.10 30.13
C GLU D 42 16.71 -27.54 30.42
N GLN D 43 16.92 -28.01 31.66
CA GLN D 43 16.45 -29.34 32.03
C GLN D 43 14.92 -29.40 31.98
N LEU D 44 14.26 -28.36 32.46
CA LEU D 44 12.80 -28.32 32.40
C LEU D 44 12.31 -28.26 30.96
N LYS D 45 13.00 -27.51 30.11
CA LYS D 45 12.64 -27.46 28.69
C LYS D 45 12.79 -28.84 28.04
N ASN D 46 13.88 -29.54 28.36
CA ASN D 46 14.07 -30.90 27.83
C ASN D 46 13.00 -31.84 28.35
N GLN D 47 12.61 -31.69 29.61
CA GLN D 47 11.54 -32.52 30.17
C GLN D 47 10.22 -32.27 29.45
N ILE D 48 9.90 -31.00 29.18
CA ILE D 48 8.66 -30.67 28.47
C ILE D 48 8.70 -31.24 27.07
N ARG D 49 9.84 -31.11 26.38
CA ARG D 49 9.95 -31.67 25.03
C ARG D 49 9.79 -33.18 25.06
N ASP D 50 10.39 -33.85 26.04
CA ASP D 50 10.27 -35.30 26.15
C ASP D 50 8.84 -35.72 26.41
N ALA D 51 8.13 -34.99 27.29
CA ALA D 51 6.73 -35.30 27.55
C ALA D 51 5.89 -35.12 26.30
N ARG D 52 6.12 -34.04 25.56
CA ARG D 52 5.37 -33.81 24.33
C ARG D 52 5.65 -34.90 23.30
N LYS D 53 6.92 -35.32 23.19
CA LYS D 53 7.27 -36.40 22.27
C LYS D 53 6.61 -37.70 22.69
N ALA D 54 6.58 -37.99 23.99
CA ALA D 54 5.94 -39.21 24.48
C ALA D 54 4.45 -39.19 24.15
N CYS D 55 3.80 -38.04 24.34
CA CYS D 55 2.38 -37.91 24.00
C CYS D 55 2.14 -37.73 22.50
N ALA D 56 3.19 -37.56 21.70
CA ALA D 56 3.05 -37.45 20.25
C ALA D 56 3.05 -38.84 19.63
N ASP D 57 2.02 -39.61 19.99
CA ASP D 57 1.88 -40.97 19.48
C ASP D 57 1.44 -41.01 18.02
N ALA D 58 0.75 -39.98 17.55
CA ALA D 58 0.32 -39.90 16.15
C ALA D 58 0.35 -38.43 15.74
N THR D 59 -0.21 -38.15 14.57
CA THR D 59 -0.28 -36.80 14.03
C THR D 59 -1.68 -36.56 13.47
N LEU D 60 -2.07 -35.29 13.44
CA LEU D 60 -3.40 -34.93 12.93
C LEU D 60 -3.54 -35.32 11.47
N SER D 61 -2.48 -35.18 10.68
CA SER D 61 -2.55 -35.50 9.26
C SER D 61 -2.82 -36.98 9.04
N GLN D 62 -2.15 -37.85 9.79
CA GLN D 62 -2.35 -39.29 9.61
C GLN D 62 -3.76 -39.71 9.99
N ILE D 63 -4.29 -39.16 11.08
CA ILE D 63 -5.64 -39.52 11.51
C ILE D 63 -6.67 -38.98 10.53
N THR D 64 -6.50 -37.74 10.06
CA THR D 64 -7.45 -37.09 9.18
C THR D 64 -7.15 -37.36 7.71
N ASN D 65 -6.27 -38.31 7.39
CA ASN D 65 -6.06 -38.70 6.00
C ASN D 65 -7.25 -39.44 5.42
N ASN D 66 -8.11 -40.03 6.26
CA ASN D 66 -9.23 -40.84 5.79
C ASN D 66 -10.50 -40.04 5.57
N ILE D 67 -10.60 -38.81 6.09
CA ILE D 67 -11.80 -38.00 5.88
C ILE D 67 -11.74 -37.38 4.50
N ASP D 68 -12.91 -37.06 3.95
CA ASP D 68 -12.98 -36.54 2.60
C ASP D 68 -12.33 -35.16 2.53
N PRO D 69 -11.56 -34.84 1.48
CA PRO D 69 -11.10 -33.45 1.33
C PRO D 69 -12.26 -32.50 1.14
N VAL D 70 -12.09 -31.28 1.65
CA VAL D 70 -13.11 -30.25 1.54
C VAL D 70 -13.34 -29.79 0.10
N GLY D 71 -12.41 -30.06 -0.81
CA GLY D 71 -12.53 -29.61 -2.18
C GLY D 71 -12.05 -28.19 -2.34
N ARG D 72 -12.45 -27.58 -3.46
CA ARG D 72 -12.10 -26.20 -3.79
C ARG D 72 -13.23 -25.29 -3.33
N ILE D 73 -12.94 -24.39 -2.40
CA ILE D 73 -13.91 -23.44 -1.86
C ILE D 73 -13.68 -22.12 -2.58
N GLN D 74 -14.53 -21.83 -3.57
CA GLN D 74 -14.50 -20.56 -4.28
C GLN D 74 -15.36 -19.56 -3.52
N MET D 75 -14.73 -18.52 -3.00
CA MET D 75 -15.40 -17.45 -2.27
C MET D 75 -15.36 -16.18 -3.09
N ARG D 76 -16.54 -15.60 -3.34
CA ARG D 76 -16.67 -14.36 -4.09
C ARG D 76 -16.89 -13.20 -3.13
N THR D 77 -16.40 -12.02 -3.54
CA THR D 77 -16.58 -10.78 -2.79
C THR D 77 -18.01 -10.31 -3.00
N ARG D 78 -18.90 -10.76 -2.12
CA ARG D 78 -20.30 -10.40 -2.26
C ARG D 78 -20.50 -8.91 -2.04
N ARG D 79 -19.78 -8.33 -1.08
CA ARG D 79 -19.90 -6.92 -0.74
C ARG D 79 -18.52 -6.34 -0.49
N THR D 80 -18.25 -5.17 -1.06
CA THR D 80 -17.02 -4.43 -0.84
C THR D 80 -17.36 -3.13 -0.13
N LEU D 81 -16.68 -2.87 0.98
CA LEU D 81 -16.98 -1.73 1.85
C LEU D 81 -15.87 -0.70 1.68
N ARG D 82 -16.25 0.52 1.30
CA ARG D 82 -15.31 1.61 1.06
C ARG D 82 -15.87 2.89 1.67
N GLY D 83 -14.97 3.80 2.03
CA GLY D 83 -14.85 5.12 2.63
C GLY D 83 -13.62 5.31 3.49
N HIS D 84 -12.99 4.22 3.91
CA HIS D 84 -11.74 4.33 4.67
C HIS D 84 -10.68 4.98 3.80
N LEU D 85 -10.01 6.00 4.34
CA LEU D 85 -9.06 6.79 3.57
C LEU D 85 -7.68 6.14 3.52
N ALA D 86 -7.24 5.53 4.61
CA ALA D 86 -5.92 4.94 4.74
C ALA D 86 -6.04 3.44 4.98
N LYS D 87 -4.89 2.81 5.19
CA LYS D 87 -4.84 1.36 5.34
C LYS D 87 -5.57 0.92 6.61
N ILE D 88 -6.25 -0.23 6.51
CA ILE D 88 -7.06 -0.78 7.58
C ILE D 88 -6.24 -1.84 8.30
N TYR D 89 -6.07 -1.69 9.62
CA TYR D 89 -5.39 -2.72 10.41
C TYR D 89 -6.32 -3.59 11.24
N ALA D 90 -7.49 -3.09 11.61
CA ALA D 90 -8.35 -3.79 12.56
C ALA D 90 -9.72 -3.99 11.96
N MET D 91 -10.36 -5.07 12.41
CA MET D 91 -11.73 -5.36 12.03
C MET D 91 -12.28 -6.44 12.95
N HIS D 92 -13.53 -6.28 13.38
CA HIS D 92 -14.16 -7.27 14.24
C HIS D 92 -15.65 -7.29 13.96
N TRP D 93 -16.17 -8.48 13.64
CA TRP D 93 -17.58 -8.65 13.39
C TRP D 93 -18.39 -8.53 14.67
N GLY D 94 -19.61 -8.03 14.54
CA GLY D 94 -20.52 -8.04 15.67
C GLY D 94 -21.14 -9.41 15.88
N THR D 95 -21.69 -9.61 17.07
CA THR D 95 -22.33 -10.87 17.38
C THR D 95 -23.64 -11.07 16.61
N ASP D 96 -24.24 -9.99 16.10
CA ASP D 96 -25.45 -10.09 15.30
C ASP D 96 -25.19 -10.52 13.87
N SER D 97 -23.92 -10.66 13.48
CA SER D 97 -23.20 -11.00 12.24
C SER D 97 -23.51 -10.04 11.10
N ARG D 98 -23.97 -8.83 11.42
CA ARG D 98 -24.32 -7.80 10.44
C ARG D 98 -23.40 -6.60 10.51
N LEU D 99 -23.24 -6.00 11.69
CA LEU D 99 -22.40 -4.84 11.87
C LEU D 99 -20.97 -5.26 12.18
N LEU D 100 -20.01 -4.52 11.65
CA LEU D 100 -18.60 -4.75 11.91
C LEU D 100 -17.88 -3.40 11.99
N VAL D 101 -17.00 -3.28 12.97
CA VAL D 101 -16.21 -2.07 13.20
C VAL D 101 -14.82 -2.32 12.64
N SER D 102 -14.31 -1.36 11.86
CA SER D 102 -13.00 -1.48 11.22
C SER D 102 -12.22 -0.18 11.41
N ALA D 103 -10.92 -0.32 11.67
CA ALA D 103 -10.04 0.78 12.02
C ALA D 103 -9.02 1.02 10.92
N SER D 104 -8.96 2.27 10.46
CA SER D 104 -7.98 2.69 9.47
C SER D 104 -7.04 3.72 10.07
N GLN D 105 -5.83 3.80 9.50
CA GLN D 105 -4.76 4.61 10.07
C GLN D 105 -4.91 6.10 9.77
N ASP D 106 -5.98 6.51 9.10
CA ASP D 106 -6.33 7.92 8.99
C ASP D 106 -7.04 8.45 10.22
N GLY D 107 -7.24 7.61 11.24
CA GLY D 107 -7.94 8.02 12.44
C GLY D 107 -9.44 7.88 12.28
N LYS D 108 -9.89 6.68 11.94
CA LYS D 108 -11.30 6.45 11.65
C LYS D 108 -11.69 5.03 12.00
N LEU D 109 -12.69 4.90 12.87
CA LEU D 109 -13.34 3.63 13.18
C LEU D 109 -14.72 3.66 12.52
N ILE D 110 -14.90 2.92 11.45
CA ILE D 110 -16.17 2.87 10.73
C ILE D 110 -16.90 1.61 11.14
N ILE D 111 -18.10 1.78 11.69
CA ILE D 111 -19.01 0.67 11.94
C ILE D 111 -19.95 0.59 10.75
N TRP D 112 -19.89 -0.51 10.02
CA TRP D 112 -20.59 -0.70 8.77
C TRP D 112 -21.89 -1.46 8.99
N ASP D 113 -22.62 -1.67 7.89
CA ASP D 113 -23.75 -2.60 7.84
C ASP D 113 -23.55 -3.39 6.55
N SER D 114 -22.89 -4.54 6.65
CA SER D 114 -22.48 -5.28 5.47
C SER D 114 -23.68 -5.77 4.66
N TYR D 115 -24.84 -5.93 5.30
CA TYR D 115 -26.04 -6.33 4.57
C TYR D 115 -26.43 -5.28 3.55
N THR D 116 -26.33 -4.00 3.92
CA THR D 116 -26.79 -2.89 3.08
C THR D 116 -25.66 -1.97 2.64
N THR D 117 -24.44 -2.18 3.12
CA THR D 117 -23.14 -1.50 2.95
C THR D 117 -23.18 -0.07 3.50
N ASN D 118 -24.14 0.23 4.36
CA ASN D 118 -24.29 1.57 4.91
C ASN D 118 -23.38 1.73 6.12
N LYS D 119 -22.68 2.86 6.18
CA LYS D 119 -21.82 3.18 7.32
C LYS D 119 -22.71 3.60 8.49
N VAL D 120 -22.88 2.70 9.46
CA VAL D 120 -23.70 3.01 10.62
C VAL D 120 -23.06 4.14 11.43
N HIS D 121 -21.75 4.08 11.61
CA HIS D 121 -21.03 5.12 12.33
C HIS D 121 -19.65 5.32 11.71
N ALA D 122 -19.11 6.53 11.89
CA ALA D 122 -17.75 6.86 11.49
C ALA D 122 -17.14 7.72 12.60
N ILE D 123 -16.42 7.05 13.50
CA ILE D 123 -15.88 7.68 14.70
C ILE D 123 -14.51 8.24 14.36
N PRO D 124 -14.26 9.55 14.51
CA PRO D 124 -12.90 10.06 14.33
C PRO D 124 -12.08 9.87 15.59
N LEU D 125 -10.89 9.28 15.43
CA LEU D 125 -10.06 8.95 16.58
C LEU D 125 -9.11 10.10 16.91
N ARG D 126 -8.77 10.20 18.20
CA ARG D 126 -7.81 11.21 18.63
C ARG D 126 -6.44 10.96 18.02
N SER D 127 -6.00 9.71 18.00
CA SER D 127 -4.73 9.31 17.43
C SER D 127 -4.96 8.60 16.10
N SER D 128 -4.29 9.08 15.05
CA SER D 128 -4.46 8.50 13.72
C SER D 128 -3.95 7.07 13.64
N TRP D 129 -3.01 6.68 14.50
CA TRP D 129 -2.38 5.37 14.44
C TRP D 129 -3.17 4.40 15.31
N VAL D 130 -4.09 3.69 14.66
CA VAL D 130 -4.95 2.70 15.30
C VAL D 130 -4.58 1.34 14.74
N MET D 131 -4.22 0.40 15.61
CA MET D 131 -3.77 -0.92 15.23
C MET D 131 -4.71 -2.03 15.66
N THR D 132 -5.77 -1.70 16.40
CA THR D 132 -6.72 -2.71 16.87
C THR D 132 -8.10 -2.10 17.00
N CYS D 133 -9.10 -2.98 17.06
CA CYS D 133 -10.47 -2.57 17.28
C CYS D 133 -11.26 -3.76 17.80
N ALA D 134 -12.42 -3.48 18.38
CA ALA D 134 -13.28 -4.52 18.91
C ALA D 134 -14.72 -4.03 18.92
N TYR D 135 -15.64 -4.97 18.76
CA TYR D 135 -17.08 -4.72 18.83
C TYR D 135 -17.59 -5.57 20.00
N ALA D 136 -18.24 -4.92 20.96
CA ALA D 136 -18.59 -5.61 22.19
C ALA D 136 -19.62 -6.70 21.90
N PRO D 137 -19.66 -7.77 22.73
CA PRO D 137 -20.68 -8.81 22.49
C PRO D 137 -22.10 -8.28 22.54
N SER D 138 -22.39 -7.35 23.45
CA SER D 138 -23.68 -6.67 23.43
C SER D 138 -23.78 -5.68 22.29
N GLY D 139 -22.65 -5.13 21.84
CA GLY D 139 -22.61 -4.21 20.73
C GLY D 139 -22.83 -2.75 21.09
N ASN D 140 -23.05 -2.44 22.36
CA ASN D 140 -23.20 -1.04 22.77
C ASN D 140 -21.88 -0.28 22.72
N TYR D 141 -20.75 -0.97 22.87
CA TYR D 141 -19.43 -0.36 22.93
C TYR D 141 -18.55 -0.89 21.80
N VAL D 142 -17.58 -0.07 21.42
CA VAL D 142 -16.45 -0.52 20.60
C VAL D 142 -15.19 -0.05 21.28
N ALA D 143 -14.06 -0.62 20.86
CA ALA D 143 -12.76 -0.26 21.40
C ALA D 143 -11.78 -0.06 20.26
N CYS D 144 -10.67 0.61 20.57
CA CYS D 144 -9.55 0.71 19.65
C CYS D 144 -8.33 1.16 20.43
N GLY D 145 -7.18 1.13 19.76
CA GLY D 145 -5.81 1.48 20.08
C GLY D 145 -4.89 1.17 18.92
N GLY D 146 -3.63 1.53 19.10
CA GLY D 146 -2.34 1.51 18.43
C GLY D 146 -1.23 2.21 19.19
N LEU D 147 -0.48 3.04 18.49
CA LEU D 147 0.71 3.67 19.04
C LEU D 147 0.43 4.64 20.18
N ASP D 148 -0.82 5.08 20.35
CA ASP D 148 -1.12 6.02 21.43
C ASP D 148 -0.97 5.40 22.81
N ASN D 149 -0.87 4.08 22.91
CA ASN D 149 -0.75 3.10 23.99
C ASN D 149 -1.97 3.12 24.91
N ILE D 150 -3.11 3.60 24.42
CA ILE D 150 -4.31 3.80 25.20
C ILE D 150 -5.47 3.10 24.49
N CYS D 151 -6.26 2.35 25.25
CA CYS D 151 -7.46 1.72 24.72
C CYS D 151 -8.62 2.69 24.87
N SER D 152 -9.05 3.27 23.75
CA SER D 152 -10.20 4.16 23.73
C SER D 152 -11.46 3.32 23.53
N ILE D 153 -12.35 3.38 24.50
CA ILE D 153 -13.65 2.70 24.46
C ILE D 153 -14.70 3.75 24.13
N TYR D 154 -15.41 3.53 23.01
CA TYR D 154 -16.46 4.43 22.53
C TYR D 154 -17.82 3.78 22.75
N ASN D 155 -18.82 4.62 23.05
CA ASN D 155 -20.18 4.19 23.28
C ASN D 155 -21.01 4.42 22.01
N LEU D 156 -21.61 3.36 21.49
CA LEU D 156 -22.49 3.43 20.33
C LEU D 156 -23.97 3.57 20.69
N LYS D 157 -24.31 3.56 21.98
CA LYS D 157 -25.68 3.62 22.46
C LYS D 157 -25.88 4.83 23.38
N THR D 158 -25.22 5.94 23.04
CA THR D 158 -25.32 7.15 23.85
C THR D 158 -26.75 7.69 23.85
N ARG D 159 -27.17 8.23 24.99
CA ARG D 159 -28.50 8.81 25.09
C ARG D 159 -28.64 10.00 24.16
N GLU D 160 -27.60 10.82 24.02
CA GLU D 160 -27.64 11.96 23.12
C GLU D 160 -27.82 11.50 21.68
N GLY D 161 -27.11 10.43 21.29
CA GLY D 161 -27.16 9.88 19.95
C GLY D 161 -25.82 9.82 19.25
N ASN D 162 -24.90 10.71 19.58
CA ASN D 162 -23.57 10.72 19.00
C ASN D 162 -22.65 9.75 19.74
N VAL D 163 -21.56 9.39 19.09
CA VAL D 163 -20.57 8.46 19.64
C VAL D 163 -19.45 9.28 20.27
N ARG D 164 -19.22 9.05 21.56
CA ARG D 164 -18.19 9.75 22.32
C ARG D 164 -17.33 8.72 23.06
N VAL D 165 -16.14 9.17 23.46
CA VAL D 165 -15.19 8.29 24.15
C VAL D 165 -15.79 7.94 25.52
N SER D 166 -16.22 6.68 25.67
CA SER D 166 -16.71 6.24 26.97
C SER D 166 -15.59 6.20 28.00
N ARG D 167 -14.40 5.73 27.60
CA ARG D 167 -13.31 5.56 28.54
C ARG D 167 -11.98 5.58 27.80
N GLU D 168 -10.92 5.90 28.53
CA GLU D 168 -9.55 5.87 28.02
C GLU D 168 -8.72 5.04 29.00
N LEU D 169 -8.48 3.78 28.66
CA LEU D 169 -7.74 2.87 29.51
C LEU D 169 -6.24 3.02 29.21
N ALA D 170 -5.50 3.54 30.18
CA ALA D 170 -4.06 3.71 30.08
C ALA D 170 -3.40 3.02 31.26
N GLY D 171 -2.15 2.60 31.07
CA GLY D 171 -1.07 1.88 31.75
C GLY D 171 -0.17 1.07 30.84
N HIS D 172 -0.59 0.78 29.61
CA HIS D 172 0.32 0.12 28.68
C HIS D 172 1.50 1.03 28.34
N THR D 173 2.68 0.43 28.30
CA THR D 173 3.90 1.16 27.97
C THR D 173 4.18 1.19 26.47
N GLY D 174 3.64 0.23 25.72
CA GLY D 174 3.83 0.14 24.29
C GLY D 174 2.53 0.24 23.52
N TYR D 175 2.68 0.13 22.19
CA TYR D 175 1.54 0.23 21.30
C TYR D 175 0.56 -0.92 21.56
N LEU D 176 -0.73 -0.61 21.44
CA LEU D 176 -1.80 -1.58 21.65
C LEU D 176 -2.02 -2.34 20.34
N SER D 177 -1.71 -3.64 20.34
CA SER D 177 -1.76 -4.43 19.13
C SER D 177 -3.09 -5.15 18.94
N CYS D 178 -3.75 -5.55 20.02
CA CYS D 178 -5.05 -6.21 19.92
C CYS D 178 -5.84 -5.94 21.19
N CYS D 179 -7.16 -6.02 21.05
CA CYS D 179 -8.07 -5.82 22.17
C CYS D 179 -9.37 -6.56 21.86
N ARG D 180 -9.92 -7.22 22.87
CA ARG D 180 -11.15 -7.99 22.73
C ARG D 180 -11.98 -7.84 23.98
N PHE D 181 -13.28 -7.61 23.81
CA PHE D 181 -14.18 -7.44 24.93
C PHE D 181 -14.55 -8.79 25.53
N LEU D 182 -14.39 -8.91 26.85
CA LEU D 182 -15.00 -10.04 27.56
C LEU D 182 -16.49 -9.80 27.76
N ASP D 183 -16.87 -8.55 28.03
CA ASP D 183 -18.27 -8.15 28.16
C ASP D 183 -18.28 -6.62 28.14
N ASP D 184 -19.44 -6.03 28.47
CA ASP D 184 -19.54 -4.57 28.48
C ASP D 184 -18.58 -3.95 29.48
N ASN D 185 -18.29 -4.64 30.58
CA ASN D 185 -17.52 -4.08 31.68
C ASN D 185 -16.02 -4.37 31.57
N GLN D 186 -15.65 -5.59 31.17
CA GLN D 186 -14.26 -6.03 31.15
C GLN D 186 -13.74 -6.08 29.72
N ILE D 187 -12.46 -5.77 29.55
CA ILE D 187 -11.80 -5.84 28.24
C ILE D 187 -10.35 -6.26 28.44
N VAL D 188 -9.90 -7.24 27.66
CA VAL D 188 -8.51 -7.70 27.69
C VAL D 188 -7.83 -7.17 26.46
N THR D 189 -6.66 -6.56 26.65
CA THR D 189 -5.91 -5.90 25.57
C THR D 189 -4.45 -6.30 25.63
N SER D 190 -3.90 -6.64 24.46
CA SER D 190 -2.48 -6.93 24.30
C SER D 190 -1.77 -5.73 23.71
N SER D 191 -0.57 -5.47 24.19
CA SER D 191 0.23 -4.32 23.77
C SER D 191 1.65 -4.76 23.48
N GLY D 192 2.44 -3.83 22.95
CA GLY D 192 3.82 -4.07 22.59
C GLY D 192 4.81 -3.99 23.73
N ASP D 193 4.35 -3.77 24.96
CA ASP D 193 5.21 -3.76 26.13
C ASP D 193 5.46 -5.17 26.67
N THR D 194 5.20 -6.20 25.87
CA THR D 194 5.27 -7.65 25.99
C THR D 194 4.34 -8.19 27.08
N THR D 195 3.22 -7.51 27.31
CA THR D 195 2.25 -7.90 28.32
C THR D 195 0.85 -7.67 27.78
N CYS D 196 -0.11 -8.37 28.37
CA CYS D 196 -1.53 -8.11 28.20
C CYS D 196 -2.11 -7.57 29.50
N ALA D 197 -3.33 -7.06 29.42
CA ALA D 197 -3.96 -6.44 30.59
C ALA D 197 -5.46 -6.58 30.49
N LEU D 198 -6.07 -7.10 31.55
CA LEU D 198 -7.51 -7.17 31.70
C LEU D 198 -7.94 -5.96 32.52
N TRP D 199 -8.75 -5.10 31.90
CA TRP D 199 -9.22 -3.84 32.48
C TRP D 199 -10.69 -3.93 32.81
N ASP D 200 -11.07 -3.30 33.92
CA ASP D 200 -12.46 -2.98 34.22
C ASP D 200 -12.74 -1.61 33.62
N ILE D 201 -13.61 -1.56 32.62
CA ILE D 201 -13.85 -0.30 31.92
C ILE D 201 -14.50 0.71 32.85
N GLU D 202 -15.37 0.25 33.75
CA GLU D 202 -16.05 1.16 34.66
C GLU D 202 -15.06 1.87 35.57
N THR D 203 -14.12 1.14 36.15
CA THR D 203 -13.13 1.75 37.03
C THR D 203 -11.97 2.35 36.24
N GLY D 204 -11.62 1.72 35.11
CA GLY D 204 -10.60 2.24 34.23
C GLY D 204 -9.17 1.85 34.56
N GLN D 205 -8.97 0.74 35.28
CA GLN D 205 -7.65 0.31 35.69
C GLN D 205 -7.48 -1.18 35.40
N GLN D 206 -6.23 -1.62 35.35
CA GLN D 206 -5.91 -3.02 35.10
C GLN D 206 -6.38 -3.90 36.25
N THR D 207 -7.44 -4.68 36.04
CA THR D 207 -7.81 -5.70 37.01
C THR D 207 -6.73 -6.77 37.09
N THR D 208 -6.16 -7.14 35.95
CA THR D 208 -5.11 -8.15 35.90
C THR D 208 -4.07 -7.76 34.86
N THR D 209 -2.83 -8.17 35.09
CA THR D 209 -1.73 -7.98 34.16
C THR D 209 -1.10 -9.33 33.85
N PHE D 210 -0.85 -9.58 32.56
CA PHE D 210 -0.32 -10.84 32.08
C PHE D 210 1.08 -10.60 31.51
N THR D 211 2.09 -11.14 32.20
CA THR D 211 3.49 -11.02 31.80
C THR D 211 4.12 -12.40 31.85
N GLY D 212 5.13 -12.61 31.01
CA GLY D 212 6.07 -13.64 30.58
C GLY D 212 6.44 -13.60 29.11
N HIS D 213 5.67 -12.91 28.29
CA HIS D 213 6.04 -12.76 26.88
C HIS D 213 7.35 -11.99 26.75
N THR D 214 8.21 -12.45 25.85
CA THR D 214 9.51 -11.83 25.64
C THR D 214 9.47 -10.72 24.60
N GLY D 215 8.59 -10.85 23.60
CA GLY D 215 8.48 -9.85 22.53
C GLY D 215 7.13 -9.17 22.54
N ASP D 216 6.90 -8.32 21.53
CA ASP D 216 5.63 -7.62 21.43
C ASP D 216 4.50 -8.62 21.23
N VAL D 217 3.41 -8.43 21.98
CA VAL D 217 2.23 -9.27 21.84
C VAL D 217 1.36 -8.68 20.75
N MET D 218 1.28 -9.37 19.61
CA MET D 218 0.67 -8.81 18.41
C MET D 218 -0.79 -9.20 18.23
N SER D 219 -1.26 -10.26 18.89
CA SER D 219 -2.66 -10.64 18.72
C SER D 219 -3.05 -11.60 19.83
N LEU D 220 -4.30 -11.50 20.26
CA LEU D 220 -4.91 -12.42 21.19
C LEU D 220 -6.26 -12.86 20.66
N SER D 221 -6.86 -13.84 21.32
CA SER D 221 -8.22 -14.28 20.98
C SER D 221 -8.87 -14.88 22.21
N LEU D 222 -10.08 -14.46 22.49
CA LEU D 222 -10.82 -14.99 23.63
C LEU D 222 -11.32 -16.39 23.31
N ALA D 223 -11.41 -17.23 24.34
CA ALA D 223 -11.97 -18.55 24.16
C ALA D 223 -13.49 -18.43 23.99
N PRO D 224 -14.15 -19.45 23.42
CA PRO D 224 -15.62 -19.39 23.32
C PRO D 224 -16.31 -19.29 24.66
N ASP D 225 -15.77 -19.94 25.70
CA ASP D 225 -16.34 -19.85 27.03
C ASP D 225 -15.94 -18.57 27.76
N THR D 226 -15.02 -17.79 27.20
CA THR D 226 -14.41 -16.51 27.57
C THR D 226 -13.70 -16.59 28.92
N ARG D 227 -13.18 -17.77 29.24
CA ARG D 227 -12.50 -18.02 30.50
C ARG D 227 -10.99 -17.94 30.37
N LEU D 228 -10.43 -18.57 29.35
CA LEU D 228 -9.02 -18.48 29.00
C LEU D 228 -8.87 -17.73 27.69
N PHE D 229 -7.65 -17.28 27.41
CA PHE D 229 -7.38 -16.64 26.13
C PHE D 229 -5.92 -16.83 25.77
N VAL D 230 -5.65 -17.00 24.47
CA VAL D 230 -4.30 -17.17 23.96
C VAL D 230 -3.82 -15.82 23.43
N SER D 231 -2.52 -15.55 23.61
CA SER D 231 -1.89 -14.37 23.08
C SER D 231 -0.64 -14.77 22.31
N GLY D 232 -0.55 -14.35 21.06
CA GLY D 232 0.61 -14.58 20.22
C GLY D 232 1.49 -13.35 20.20
N ALA D 233 2.80 -13.56 20.25
CA ALA D 233 3.77 -12.48 20.40
C ALA D 233 4.95 -12.69 19.46
N CYS D 234 5.83 -11.70 19.44
CA CYS D 234 6.94 -11.62 18.51
C CYS D 234 8.17 -12.41 18.96
N ASP D 235 8.01 -13.33 19.92
CA ASP D 235 9.10 -14.22 20.35
C ASP D 235 8.86 -15.66 19.92
N ALA D 236 7.98 -15.87 18.94
CA ALA D 236 7.48 -17.08 18.27
C ALA D 236 6.86 -18.03 19.29
N SER D 237 6.13 -17.47 20.25
CA SER D 237 5.50 -18.23 21.32
C SER D 237 4.07 -17.73 21.50
N ALA D 238 3.15 -18.67 21.66
CA ALA D 238 1.75 -18.38 21.95
C ALA D 238 1.45 -18.84 23.36
N LYS D 239 1.00 -17.93 24.21
CA LYS D 239 0.78 -18.21 25.63
C LYS D 239 -0.71 -18.27 25.91
N LEU D 240 -1.18 -19.41 26.42
CA LEU D 240 -2.54 -19.57 26.90
C LEU D 240 -2.59 -19.10 28.35
N TRP D 241 -3.32 -18.02 28.58
CA TRP D 241 -3.49 -17.39 29.88
C TRP D 241 -4.88 -17.70 30.40
N ASP D 242 -5.01 -17.70 31.73
CA ASP D 242 -6.30 -17.85 32.39
C ASP D 242 -6.71 -16.51 32.99
N VAL D 243 -7.94 -16.10 32.73
CA VAL D 243 -8.38 -14.75 33.08
C VAL D 243 -8.50 -14.59 34.60
N ARG D 244 -9.16 -15.54 35.26
CA ARG D 244 -9.45 -15.36 36.69
C ARG D 244 -8.18 -15.40 37.54
N GLU D 245 -7.13 -16.11 37.09
CA GLU D 245 -5.89 -16.24 37.84
C GLU D 245 -4.89 -15.15 37.46
N GLY D 246 -4.53 -15.06 36.18
CA GLY D 246 -3.54 -14.13 35.71
C GLY D 246 -2.16 -14.70 35.54
N MET D 247 -2.03 -16.03 35.38
CA MET D 247 -0.75 -16.70 35.18
C MET D 247 -0.81 -17.50 33.90
N CYS D 248 0.33 -17.61 33.22
CA CYS D 248 0.39 -18.33 31.96
C CYS D 248 0.13 -19.81 32.20
N ARG D 249 -1.07 -20.27 31.86
CA ARG D 249 -1.39 -21.68 32.01
C ARG D 249 -0.51 -22.55 31.12
N GLN D 250 -0.32 -22.17 29.86
CA GLN D 250 0.47 -22.98 28.94
C GLN D 250 1.26 -22.09 27.98
N THR D 251 2.37 -22.63 27.49
CA THR D 251 3.20 -22.00 26.48
C THR D 251 3.32 -22.93 25.30
N PHE D 252 3.19 -22.38 24.09
CA PHE D 252 3.20 -23.15 22.84
C PHE D 252 4.29 -22.57 21.95
N THR D 253 5.23 -23.43 21.55
CA THR D 253 6.33 -23.07 20.68
C THR D 253 6.31 -23.98 19.46
N GLY D 254 7.06 -23.56 18.44
CA GLY D 254 7.07 -24.24 17.16
C GLY D 254 7.13 -23.26 16.01
N HIS D 255 6.65 -22.04 16.24
CA HIS D 255 6.79 -21.00 15.24
C HIS D 255 8.26 -20.59 15.12
N GLU D 256 8.60 -20.04 13.95
CA GLU D 256 9.97 -19.68 13.62
C GLU D 256 10.22 -18.18 13.67
N SER D 257 9.18 -17.36 13.67
CA SER D 257 9.31 -15.92 13.65
C SER D 257 8.15 -15.31 14.43
N ASP D 258 7.94 -14.02 14.25
CA ASP D 258 6.92 -13.30 15.00
C ASP D 258 5.53 -13.81 14.67
N ILE D 259 4.69 -13.97 15.68
CA ILE D 259 3.30 -14.41 15.52
C ILE D 259 2.44 -13.16 15.41
N ASN D 260 1.91 -12.91 14.22
CA ASN D 260 1.09 -11.72 13.97
C ASN D 260 -0.41 -11.99 14.16
N ALA D 261 -0.81 -13.24 14.33
CA ALA D 261 -2.21 -13.60 14.32
C ALA D 261 -2.43 -14.80 15.22
N ILE D 262 -3.65 -14.91 15.75
CA ILE D 262 -4.02 -16.03 16.59
C ILE D 262 -5.53 -16.06 16.72
N CYS D 263 -6.10 -17.26 16.70
CA CYS D 263 -7.54 -17.42 16.87
C CYS D 263 -7.82 -18.82 17.41
N PHE D 264 -8.74 -18.91 18.37
CA PHE D 264 -9.15 -20.21 18.87
C PHE D 264 -9.86 -21.02 17.80
N PHE D 265 -9.74 -22.34 17.92
CA PHE D 265 -10.67 -23.25 17.28
C PHE D 265 -12.07 -22.97 17.84
N PRO D 266 -13.14 -23.16 17.06
CA PRO D 266 -14.47 -22.84 17.58
C PRO D 266 -14.87 -23.62 18.83
N ASN D 267 -14.34 -24.83 19.03
CA ASN D 267 -14.66 -25.58 20.24
C ASN D 267 -13.91 -25.06 21.47
N GLY D 268 -12.87 -24.26 21.28
CA GLY D 268 -12.12 -23.68 22.37
C GLY D 268 -10.95 -24.50 22.88
N ASN D 269 -10.74 -25.70 22.35
CA ASN D 269 -9.67 -26.59 22.80
C ASN D 269 -8.43 -26.54 21.92
N ALA D 270 -8.38 -25.64 20.94
CA ALA D 270 -7.23 -25.54 20.06
C ALA D 270 -7.20 -24.12 19.48
N PHE D 271 -6.10 -23.79 18.82
CA PHE D 271 -5.98 -22.48 18.21
C PHE D 271 -4.93 -22.52 17.10
N ALA D 272 -5.11 -21.64 16.11
CA ALA D 272 -4.19 -21.51 14.98
C ALA D 272 -3.52 -20.15 15.04
N THR D 273 -2.20 -20.15 14.89
CA THR D 273 -1.38 -18.95 14.90
C THR D 273 -0.73 -18.74 13.54
N GLY D 274 -0.83 -17.53 13.01
CA GLY D 274 -0.13 -17.12 11.81
C GLY D 274 1.04 -16.24 12.17
N SER D 275 2.16 -16.44 11.47
CA SER D 275 3.42 -15.80 11.84
C SER D 275 4.13 -15.29 10.60
N ASP D 276 5.30 -14.69 10.82
CA ASP D 276 6.12 -14.13 9.75
C ASP D 276 6.96 -15.17 9.03
N ASP D 277 7.02 -16.41 9.53
CA ASP D 277 7.80 -17.46 8.91
C ASP D 277 7.09 -18.11 7.72
N ALA D 278 5.97 -17.55 7.29
CA ALA D 278 5.02 -17.83 6.22
C ALA D 278 4.32 -19.17 6.42
N THR D 279 4.12 -19.57 7.68
CA THR D 279 3.44 -20.81 8.01
C THR D 279 2.47 -20.56 9.15
N CYS D 280 1.26 -21.10 9.02
CA CYS D 280 0.31 -21.16 10.11
C CYS D 280 0.53 -22.44 10.89
N ARG D 281 0.13 -22.44 12.16
CA ARG D 281 0.37 -23.59 13.02
C ARG D 281 -0.81 -23.77 13.96
N LEU D 282 -1.43 -24.95 13.90
CA LEU D 282 -2.53 -25.33 14.77
C LEU D 282 -1.97 -26.11 15.96
N PHE D 283 -2.19 -25.58 17.16
CA PHE D 283 -1.85 -26.20 18.43
C PHE D 283 -3.12 -26.58 19.16
N ASP D 284 -3.00 -27.53 20.08
CA ASP D 284 -4.09 -27.96 20.94
C ASP D 284 -3.69 -27.76 22.40
N LEU D 285 -4.61 -27.20 23.18
CA LEU D 285 -4.31 -26.91 24.58
C LEU D 285 -4.12 -28.19 25.38
N ARG D 286 -5.07 -29.14 25.26
CA ARG D 286 -5.03 -30.34 26.09
C ARG D 286 -3.83 -31.21 25.75
N ALA D 287 -3.52 -31.36 24.46
CA ALA D 287 -2.37 -32.14 24.05
C ALA D 287 -1.05 -31.45 24.40
N ASP D 288 -1.05 -30.12 24.48
CA ASP D 288 -0.05 -29.11 24.80
C ASP D 288 1.15 -29.20 23.86
N GLN D 289 0.87 -29.14 22.56
CA GLN D 289 1.91 -29.19 21.55
C GLN D 289 1.30 -28.88 20.19
N GLU D 290 2.18 -28.79 19.19
CA GLU D 290 1.75 -28.65 17.81
C GLU D 290 0.86 -29.81 17.39
N LEU D 291 -0.21 -29.49 16.66
CA LEU D 291 -0.98 -30.49 15.93
C LEU D 291 -0.65 -30.49 14.45
N MET D 292 -0.49 -29.32 13.85
CA MET D 292 -0.26 -29.30 12.40
C MET D 292 0.35 -27.96 12.00
N THR D 293 1.04 -27.95 10.86
CA THR D 293 1.58 -26.75 10.25
C THR D 293 1.07 -26.64 8.82
N TYR D 294 0.57 -25.46 8.46
CA TYR D 294 0.04 -25.16 7.14
C TYR D 294 1.02 -24.24 6.44
N SER D 295 1.64 -24.74 5.37
CA SER D 295 2.65 -23.98 4.63
C SER D 295 2.73 -24.54 3.22
N HIS D 296 3.37 -23.77 2.35
CA HIS D 296 3.59 -24.18 0.97
C HIS D 296 4.87 -23.52 0.47
N ASP D 297 5.55 -24.21 -0.46
CA ASP D 297 6.82 -23.69 -0.98
C ASP D 297 6.60 -22.38 -1.72
N ASN D 298 5.49 -22.25 -2.44
CA ASN D 298 5.20 -21.02 -3.17
C ASN D 298 4.93 -19.84 -2.24
N ILE D 299 4.67 -20.09 -0.95
CA ILE D 299 4.40 -19.04 0.03
C ILE D 299 5.69 -18.82 0.82
N ILE D 300 6.24 -17.61 0.72
CA ILE D 300 7.41 -17.18 1.46
C ILE D 300 7.14 -15.91 2.25
N CYS D 301 5.87 -15.63 2.56
CA CYS D 301 5.43 -14.36 3.11
C CYS D 301 4.59 -14.58 4.35
N GLY D 302 4.73 -13.64 5.30
CA GLY D 302 4.12 -13.82 6.60
C GLY D 302 2.61 -13.75 6.58
N ILE D 303 2.00 -14.32 7.62
CA ILE D 303 0.56 -14.29 7.82
C ILE D 303 0.24 -13.13 8.75
N THR D 304 -0.81 -12.37 8.42
CA THR D 304 -1.20 -11.18 9.17
C THR D 304 -2.38 -11.41 10.08
N SER D 305 -3.28 -12.32 9.73
CA SER D 305 -4.54 -12.51 10.44
C SER D 305 -5.03 -13.92 10.15
N VAL D 306 -5.61 -14.56 11.16
CA VAL D 306 -6.12 -15.92 11.03
C VAL D 306 -7.48 -16.01 11.69
N SER D 307 -8.36 -16.80 11.10
CA SER D 307 -9.65 -17.09 11.71
C SER D 307 -10.09 -18.47 11.27
N PHE D 308 -11.05 -19.01 12.01
CA PHE D 308 -11.66 -20.30 11.71
C PHE D 308 -13.10 -20.09 11.28
N SER D 309 -13.61 -21.02 10.48
CA SER D 309 -15.01 -21.00 10.12
C SER D 309 -15.85 -21.42 11.32
N LYS D 310 -17.18 -21.49 11.11
CA LYS D 310 -18.08 -21.83 12.20
C LYS D 310 -17.79 -23.22 12.74
N SER D 311 -17.56 -24.19 11.86
CA SER D 311 -17.21 -25.55 12.25
C SER D 311 -15.72 -25.72 12.54
N GLY D 312 -14.89 -24.78 12.12
CA GLY D 312 -13.45 -24.89 12.32
C GLY D 312 -12.72 -25.73 11.31
N ARG D 313 -13.40 -26.23 10.28
CA ARG D 313 -12.74 -27.05 9.27
C ARG D 313 -11.88 -26.22 8.33
N LEU D 314 -12.27 -24.97 8.09
CA LEU D 314 -11.53 -24.05 7.23
C LEU D 314 -10.80 -23.03 8.10
N LEU D 315 -9.49 -22.90 7.87
CA LEU D 315 -8.66 -21.89 8.52
C LEU D 315 -8.32 -20.85 7.46
N LEU D 316 -8.96 -19.69 7.54
CA LEU D 316 -8.70 -18.60 6.62
C LEU D 316 -7.56 -17.76 7.18
N ALA D 317 -6.54 -17.51 6.36
CA ALA D 317 -5.33 -16.82 6.79
C ALA D 317 -4.95 -15.79 5.74
N GLY D 318 -4.83 -14.54 6.19
CA GLY D 318 -4.41 -13.47 5.29
C GLY D 318 -2.90 -13.34 5.25
N TYR D 319 -2.37 -13.26 4.04
CA TYR D 319 -0.94 -13.24 3.78
C TYR D 319 -0.53 -11.88 3.23
N ASP D 320 0.78 -11.67 3.13
CA ASP D 320 1.32 -10.41 2.63
C ASP D 320 1.39 -10.36 1.11
N ASP D 321 1.14 -11.46 0.41
CA ASP D 321 1.23 -11.51 -1.05
C ASP D 321 0.00 -10.95 -1.74
N PHE D 322 -0.82 -10.20 -1.01
CA PHE D 322 -2.06 -9.43 -1.05
C PHE D 322 -3.27 -10.35 -1.12
N ASN D 323 -3.12 -11.66 -0.92
CA ASN D 323 -4.19 -12.63 -1.02
C ASN D 323 -4.28 -13.43 0.27
N CYS D 324 -5.47 -14.01 0.50
CA CYS D 324 -5.72 -14.88 1.63
C CYS D 324 -5.85 -16.31 1.14
N ASN D 325 -5.60 -17.25 2.05
CA ASN D 325 -5.66 -18.69 1.76
C ASN D 325 -6.58 -19.37 2.74
N VAL D 326 -7.46 -20.22 2.21
CA VAL D 326 -8.40 -21.00 3.01
C VAL D 326 -7.82 -22.40 3.14
N TRP D 327 -7.02 -22.61 4.18
CA TRP D 327 -6.43 -23.92 4.42
C TRP D 327 -7.45 -24.88 5.00
N ASP D 328 -7.29 -26.15 4.66
CA ASP D 328 -8.06 -27.22 5.29
C ASP D 328 -7.47 -27.45 6.68
N ALA D 329 -8.28 -27.24 7.72
CA ALA D 329 -7.77 -27.32 9.08
C ALA D 329 -7.34 -28.73 9.46
N LEU D 330 -7.83 -29.76 8.76
CA LEU D 330 -7.54 -31.15 9.08
C LEU D 330 -6.68 -31.85 8.03
N LYS D 331 -6.40 -31.20 6.90
CA LYS D 331 -5.67 -31.83 5.79
C LYS D 331 -4.46 -31.04 5.33
N ALA D 332 -4.41 -29.73 5.55
CA ALA D 332 -3.56 -28.59 5.24
C ALA D 332 -3.50 -28.29 3.75
N ASP D 333 -4.41 -28.85 2.95
CA ASP D 333 -4.46 -28.55 1.53
C ASP D 333 -5.02 -27.15 1.33
N ARG D 334 -4.36 -26.36 0.49
CA ARG D 334 -4.86 -25.02 0.18
C ARG D 334 -6.18 -25.16 -0.56
N ALA D 335 -7.28 -24.85 0.12
CA ALA D 335 -8.60 -25.29 -0.31
C ALA D 335 -9.39 -24.23 -1.05
N GLY D 336 -8.83 -23.04 -1.27
CA GLY D 336 -9.25 -21.84 -1.98
C GLY D 336 -8.25 -20.71 -1.79
N VAL D 337 -8.51 -19.63 -2.52
CA VAL D 337 -7.73 -18.40 -2.44
C VAL D 337 -8.69 -17.23 -2.62
N LEU D 338 -8.41 -16.15 -1.90
CA LEU D 338 -9.22 -14.92 -1.95
C LEU D 338 -8.28 -13.80 -2.38
N ALA D 339 -8.17 -13.59 -3.68
CA ALA D 339 -7.17 -12.71 -4.28
C ALA D 339 -7.77 -11.43 -4.83
N GLY D 340 -8.75 -10.86 -4.12
CA GLY D 340 -9.39 -9.63 -4.52
C GLY D 340 -8.73 -8.36 -4.02
N HIS D 341 -7.73 -8.47 -3.17
CA HIS D 341 -7.01 -7.32 -2.62
C HIS D 341 -5.71 -7.12 -3.38
N ASP D 342 -5.36 -5.85 -3.61
CA ASP D 342 -4.09 -5.49 -4.23
C ASP D 342 -3.12 -4.84 -3.25
N ASN D 343 -3.32 -5.02 -1.95
CA ASN D 343 -2.34 -4.64 -0.94
C ASN D 343 -2.44 -5.64 0.21
N ARG D 344 -1.62 -5.42 1.25
CA ARG D 344 -1.49 -6.39 2.33
C ARG D 344 -2.83 -6.60 3.03
N VAL D 345 -3.22 -7.86 3.19
CA VAL D 345 -4.38 -8.20 4.00
C VAL D 345 -3.92 -8.25 5.46
N SER D 346 -4.40 -7.31 6.26
CA SER D 346 -3.94 -7.13 7.62
C SER D 346 -4.93 -7.63 8.69
N CYS D 347 -6.21 -7.68 8.38
CA CYS D 347 -7.22 -8.17 9.31
C CYS D 347 -8.16 -9.12 8.58
N LEU D 348 -8.66 -10.10 9.33
CA LEU D 348 -9.45 -11.19 8.77
C LEU D 348 -10.25 -11.80 9.92
N GLY D 349 -11.55 -11.95 9.71
CA GLY D 349 -12.52 -12.39 10.72
C GLY D 349 -13.74 -12.99 10.05
N VAL D 350 -14.34 -13.97 10.73
CA VAL D 350 -15.52 -14.69 10.24
C VAL D 350 -16.66 -14.37 11.19
N THR D 351 -17.87 -14.28 10.63
CA THR D 351 -19.06 -14.02 11.44
C THR D 351 -19.29 -15.16 12.42
N ASP D 352 -19.96 -14.88 13.54
CA ASP D 352 -20.24 -15.93 14.51
C ASP D 352 -21.17 -16.99 13.93
N ASP D 353 -22.01 -16.62 12.96
CA ASP D 353 -22.83 -17.59 12.24
C ASP D 353 -22.12 -18.21 11.04
N GLY D 354 -20.93 -17.72 10.69
CA GLY D 354 -20.18 -18.31 9.60
C GLY D 354 -20.72 -18.01 8.23
N MET D 355 -21.65 -17.06 8.11
CA MET D 355 -22.24 -16.76 6.82
C MET D 355 -21.32 -15.99 5.88
N ALA D 356 -20.28 -15.35 6.41
CA ALA D 356 -19.39 -14.55 5.57
C ALA D 356 -18.07 -14.32 6.27
N VAL D 357 -17.08 -13.90 5.50
CA VAL D 357 -15.74 -13.58 5.98
C VAL D 357 -15.38 -12.19 5.46
N ALA D 358 -14.99 -11.30 6.36
CA ALA D 358 -14.47 -9.99 6.01
C ALA D 358 -12.95 -10.03 6.08
N THR D 359 -12.29 -9.52 5.05
CA THR D 359 -10.83 -9.49 4.99
C THR D 359 -10.42 -8.07 4.61
N GLY D 360 -10.31 -7.21 5.61
CA GLY D 360 -9.79 -5.88 5.37
C GLY D 360 -8.32 -5.93 5.00
N SER D 361 -7.89 -4.92 4.25
CA SER D 361 -6.54 -4.89 3.71
C SER D 361 -6.05 -3.45 3.67
N TRP D 362 -4.81 -3.29 3.20
CA TRP D 362 -4.21 -1.98 3.04
C TRP D 362 -4.66 -1.27 1.78
N ASP D 363 -5.59 -1.87 1.02
CA ASP D 363 -6.20 -1.18 -0.12
C ASP D 363 -6.97 0.05 0.33
N SER D 364 -7.44 0.06 1.58
CA SER D 364 -8.36 0.78 2.45
C SER D 364 -9.80 0.31 2.22
N PHE D 365 -10.00 -0.86 1.65
CA PHE D 365 -11.33 -1.41 1.39
C PHE D 365 -11.46 -2.75 2.12
N LEU D 366 -12.57 -2.94 2.82
CA LEU D 366 -12.95 -4.26 3.28
C LEU D 366 -13.68 -4.99 2.17
N LYS D 367 -13.71 -6.31 2.28
CA LYS D 367 -14.41 -7.15 1.31
C LYS D 367 -15.08 -8.29 2.06
N ILE D 368 -16.39 -8.41 1.90
CA ILE D 368 -17.17 -9.45 2.56
C ILE D 368 -17.26 -10.64 1.61
N TRP D 369 -16.53 -11.70 1.91
CA TRP D 369 -16.47 -12.89 1.06
C TRP D 369 -17.50 -13.91 1.51
N ASN D 370 -18.00 -14.68 0.54
CA ASN D 370 -18.93 -15.76 0.83
C ASN D 370 -18.99 -16.76 -0.31
N ALA E 7 19.83 -8.62 39.03
CA ALA E 7 19.13 -8.01 37.91
C ALA E 7 18.35 -9.07 37.13
N SER E 8 19.08 -9.95 36.45
CA SER E 8 18.46 -11.02 35.68
C SER E 8 18.10 -12.24 36.52
N ILE E 9 18.47 -12.26 37.80
CA ILE E 9 18.16 -13.41 38.64
C ILE E 9 16.65 -13.54 38.83
N ALA E 10 15.96 -12.41 38.98
CA ALA E 10 14.51 -12.44 39.14
C ALA E 10 13.83 -12.97 37.88
N GLN E 11 14.29 -12.53 36.71
CA GLN E 11 13.73 -13.02 35.46
C GLN E 11 13.95 -14.52 35.31
N ALA E 12 15.16 -14.99 35.65
CA ALA E 12 15.46 -16.41 35.56
C ALA E 12 14.57 -17.21 36.51
N ARG E 13 14.39 -16.71 37.74
CA ARG E 13 13.55 -17.42 38.70
C ARG E 13 12.09 -17.47 38.23
N LYS E 14 11.59 -16.36 37.69
CA LYS E 14 10.22 -16.35 37.18
C LYS E 14 10.06 -17.32 36.00
N LEU E 15 11.04 -17.35 35.10
CA LEU E 15 10.99 -18.29 33.98
C LEU E 15 11.02 -19.73 34.47
N VAL E 16 11.87 -20.01 35.47
CA VAL E 16 11.97 -21.36 36.01
C VAL E 16 10.64 -21.77 36.66
N GLU E 17 10.02 -20.85 37.41
CA GLU E 17 8.74 -21.17 38.03
C GLU E 17 7.66 -21.41 36.99
N GLN E 18 7.65 -20.60 35.93
CA GLN E 18 6.68 -20.80 34.85
C GLN E 18 6.88 -22.16 34.19
N LEU E 19 8.13 -22.53 33.91
CA LEU E 19 8.41 -23.82 33.30
C LEU E 19 8.03 -24.97 34.24
N LYS E 20 8.27 -24.80 35.53
CA LYS E 20 7.92 -25.84 36.49
C LYS E 20 6.41 -26.06 36.54
N MET E 21 5.63 -24.97 36.60
CA MET E 21 4.18 -25.14 36.62
C MET E 21 3.64 -25.61 35.27
N GLU E 22 4.36 -25.33 34.18
CA GLU E 22 3.94 -25.81 32.87
C GLU E 22 4.22 -27.29 32.69
N ALA E 23 5.32 -27.79 33.28
CA ALA E 23 5.70 -29.18 33.09
C ALA E 23 4.70 -30.13 33.74
N ASN E 24 4.18 -29.76 34.92
CA ASN E 24 3.31 -30.65 35.70
C ASN E 24 1.85 -30.34 35.38
N ILE E 25 1.44 -30.78 34.19
CA ILE E 25 0.04 -30.68 33.75
C ILE E 25 -0.37 -32.01 33.12
N ASP E 26 -1.67 -32.25 33.11
CA ASP E 26 -2.23 -33.46 32.52
C ASP E 26 -2.40 -33.24 31.02
N ARG E 27 -1.64 -34.00 30.23
CA ARG E 27 -1.64 -33.88 28.77
C ARG E 27 -2.14 -35.17 28.16
N ILE E 28 -3.07 -35.03 27.21
CA ILE E 28 -3.62 -36.18 26.50
C ILE E 28 -2.73 -36.51 25.31
N LYS E 29 -2.93 -37.71 24.76
CA LYS E 29 -2.21 -38.09 23.55
C LYS E 29 -2.66 -37.21 22.38
N VAL E 30 -1.77 -37.01 21.42
CA VAL E 30 -2.11 -36.25 20.22
C VAL E 30 -3.21 -36.95 19.43
N SER E 31 -3.29 -38.28 19.54
CA SER E 31 -4.35 -39.01 18.86
C SER E 31 -5.72 -38.58 19.37
N LYS E 32 -5.86 -38.47 20.70
CA LYS E 32 -7.14 -38.05 21.28
C LYS E 32 -7.50 -36.63 20.85
N ALA E 33 -6.52 -35.72 20.84
CA ALA E 33 -6.79 -34.34 20.45
C ALA E 33 -7.21 -34.27 18.99
N ALA E 34 -6.49 -34.98 18.11
CA ALA E 34 -6.83 -34.98 16.69
C ALA E 34 -8.21 -35.59 16.47
N ALA E 35 -8.53 -36.68 17.18
CA ALA E 35 -9.85 -37.28 17.06
C ALA E 35 -10.93 -36.32 17.52
N ASP E 36 -10.69 -35.59 18.61
CA ASP E 36 -11.69 -34.65 19.09
C ASP E 36 -11.93 -33.53 18.09
N LEU E 37 -10.86 -32.96 17.52
CA LEU E 37 -11.03 -31.90 16.53
C LEU E 37 -11.73 -32.42 15.29
N MET E 38 -11.36 -33.62 14.83
CA MET E 38 -12.01 -34.20 13.66
C MET E 38 -13.50 -34.44 13.92
N ALA E 39 -13.83 -34.96 15.11
CA ALA E 39 -15.22 -35.19 15.46
C ALA E 39 -16.00 -33.88 15.51
N TYR E 40 -15.40 -32.83 16.07
CA TYR E 40 -16.08 -31.54 16.10
C TYR E 40 -16.33 -31.00 14.70
N CYS E 41 -15.32 -31.11 13.83
CA CYS E 41 -15.50 -30.65 12.45
C CYS E 41 -16.59 -31.44 11.74
N GLU E 42 -16.59 -32.76 11.91
CA GLU E 42 -17.62 -33.59 11.27
C GLU E 42 -19.01 -33.25 11.80
N ALA E 43 -19.12 -33.01 13.12
CA ALA E 43 -20.41 -32.67 13.70
C ALA E 43 -20.92 -31.34 13.18
N HIS E 44 -20.05 -30.33 13.09
CA HIS E 44 -20.47 -28.97 12.77
C HIS E 44 -20.36 -28.62 11.30
N ALA E 45 -19.92 -29.55 10.44
CA ALA E 45 -19.84 -29.26 9.01
C ALA E 45 -21.20 -28.93 8.42
N LYS E 46 -22.27 -29.53 8.96
CA LYS E 46 -23.61 -29.24 8.48
C LYS E 46 -24.07 -27.82 8.81
N GLU E 47 -23.41 -27.13 9.74
CA GLU E 47 -23.76 -25.78 10.16
C GLU E 47 -22.68 -24.77 9.77
N ASP E 48 -21.96 -25.04 8.68
CA ASP E 48 -20.86 -24.19 8.22
C ASP E 48 -21.22 -23.62 6.86
N PRO E 49 -21.69 -22.37 6.76
CA PRO E 49 -22.00 -21.82 5.42
C PRO E 49 -20.82 -21.74 4.49
N LEU E 50 -19.59 -21.57 5.00
CA LEU E 50 -18.44 -21.42 4.12
C LEU E 50 -18.01 -22.76 3.55
N LEU E 51 -18.06 -23.84 4.35
CA LEU E 51 -17.69 -25.16 3.85
C LEU E 51 -18.66 -25.61 2.77
N THR E 52 -19.96 -25.55 3.05
CA THR E 52 -21.00 -25.90 2.10
C THR E 52 -21.63 -24.62 1.57
N PRO E 53 -21.43 -24.24 0.30
CA PRO E 53 -22.07 -23.00 -0.19
C PRO E 53 -23.58 -23.07 -0.06
N VAL E 54 -24.17 -21.94 0.31
CA VAL E 54 -25.62 -21.85 0.55
C VAL E 54 -26.27 -21.21 -0.67
N PRO E 55 -27.53 -21.52 -0.99
CA PRO E 55 -28.18 -20.85 -2.12
C PRO E 55 -28.49 -19.40 -1.78
N ALA E 56 -28.75 -18.61 -2.83
CA ALA E 56 -29.01 -17.19 -2.65
C ALA E 56 -30.32 -16.90 -1.93
N SER E 57 -31.20 -17.91 -1.78
CA SER E 57 -32.50 -17.66 -1.15
C SER E 57 -32.34 -17.22 0.29
N GLU E 58 -31.55 -17.95 1.08
CA GLU E 58 -31.27 -17.59 2.47
C GLU E 58 -29.88 -17.01 2.67
N ASN E 59 -29.21 -16.59 1.59
CA ASN E 59 -27.93 -15.92 1.72
C ASN E 59 -28.16 -14.44 2.03
N PRO E 60 -27.76 -13.94 3.21
CA PRO E 60 -27.95 -12.50 3.47
C PRO E 60 -26.97 -11.60 2.74
N PHE E 61 -25.99 -12.17 2.02
CA PHE E 61 -24.99 -11.41 1.29
C PHE E 61 -25.12 -11.68 -0.21
N ARG E 62 -26.35 -11.61 -0.73
CA ARG E 62 -26.59 -11.78 -2.16
C ARG E 62 -25.76 -10.75 -2.94
#